data_5JKQ
#
_entry.id   5JKQ
#
_cell.length_a   84.770
_cell.length_b   201.430
_cell.length_c   77.560
_cell.angle_alpha   90.000
_cell.angle_beta   90.000
_cell.angle_gamma   90.000
#
_symmetry.space_group_name_H-M   'P 21 21 2'
#
loop_
_entity.id
_entity.type
_entity.pdbx_description
1 polymer PfVFT1
2 non-polymer 'SULFATE ION'
3 water water
#
_entity_poly.entity_id   1
_entity_poly.type   'polypeptide(L)'
_entity_poly.pdbx_seq_one_letter_code
;GS(MSE)GVEEVVNNKAKRLIDIYHAAVKELIQNEELIDLIDKHNVDYSVIESIENLPNLADINVKDDIDDVLSEIIKKK
EVKIGALKNKNWGIIGNYEQNPPVGFWPDV(MSE)YIIWETISKHIFNDEDAINIAYNYYDNVFVALNDKDIH(MSE)TD
NYFLSNSRLVDQSGNNLPKLTSGLPIIKHSNKI(MSE)ILKEYNINNLEDLKSYISKNEGLKIACLTEANCNALKNIFLD
KVTYDYKSFSSYIDLSKSVLSKSHIIGVISGIPFNFNEHKINVFDSFLKTGHSAYFKAAA
;
_entity_poly.pdbx_strand_id   A,B,D,C
#
loop_
_chem_comp.id
_chem_comp.type
_chem_comp.name
_chem_comp.formula
SO4 non-polymer 'SULFATE ION' 'O4 S -2'
#
# COMPACT_ATOMS: atom_id res chain seq x y z
N GLY A 4 11.00 31.39 -28.26
CA GLY A 4 11.97 30.63 -27.50
C GLY A 4 11.32 29.49 -26.74
N VAL A 5 11.12 28.37 -27.43
CA VAL A 5 10.39 27.23 -26.88
C VAL A 5 11.17 25.94 -27.05
N GLU A 6 11.11 25.10 -26.02
CA GLU A 6 11.63 23.73 -26.10
C GLU A 6 10.54 22.84 -26.69
N GLU A 7 10.61 22.60 -27.99
CA GLU A 7 9.59 21.82 -28.68
C GLU A 7 9.88 20.32 -28.57
N VAL A 8 9.34 19.69 -27.53
CA VAL A 8 9.57 18.26 -27.31
C VAL A 8 8.49 17.42 -27.99
N VAL A 9 8.86 16.20 -28.40
CA VAL A 9 7.92 15.28 -29.01
C VAL A 9 6.83 14.89 -28.03
N ASN A 10 5.61 14.74 -28.54
CA ASN A 10 4.52 14.20 -27.75
C ASN A 10 4.62 12.68 -27.64
N ASN A 11 5.34 12.21 -26.64
CA ASN A 11 5.45 10.78 -26.36
C ASN A 11 4.19 10.31 -25.65
N LYS A 12 3.30 9.66 -26.38
CA LYS A 12 2.04 9.19 -25.82
C LYS A 12 2.22 7.95 -24.95
N ALA A 13 3.44 7.41 -24.93
CA ALA A 13 3.75 6.22 -24.14
C ALA A 13 4.63 6.55 -22.94
N LYS A 14 4.90 7.83 -22.71
CA LYS A 14 5.84 8.22 -21.67
C LYS A 14 5.37 7.78 -20.28
N ARG A 15 4.13 8.13 -19.94
CA ARG A 15 3.59 7.78 -18.64
C ARG A 15 3.40 6.27 -18.51
N LEU A 16 3.09 5.62 -19.62
CA LEU A 16 2.98 4.16 -19.65
C LEU A 16 4.32 3.52 -19.30
N ILE A 17 5.39 4.07 -19.86
CA ILE A 17 6.74 3.56 -19.60
C ILE A 17 7.14 3.81 -18.15
N ASP A 18 6.78 4.96 -17.62
CA ASP A 18 7.17 5.34 -16.27
C ASP A 18 6.47 4.50 -15.21
N ILE A 19 5.16 4.33 -15.32
CA ILE A 19 4.42 3.53 -14.36
C ILE A 19 4.84 2.07 -14.49
N TYR A 20 5.22 1.68 -15.71
CA TYR A 20 5.76 0.35 -15.97
C TYR A 20 7.08 0.17 -15.21
N HIS A 21 7.97 1.14 -15.32
CA HIS A 21 9.25 1.09 -14.60
C HIS A 21 9.04 1.16 -13.11
N ALA A 22 8.04 1.94 -12.68
CA ALA A 22 7.75 2.10 -11.27
C ALA A 22 7.24 0.79 -10.67
N ALA A 23 6.48 0.04 -11.46
CA ALA A 23 5.94 -1.23 -11.00
C ALA A 23 7.07 -2.24 -10.82
N VAL A 24 7.98 -2.28 -11.79
CA VAL A 24 9.15 -3.16 -11.72
C VAL A 24 9.95 -2.83 -10.46
N LYS A 25 10.12 -1.54 -10.19
CA LYS A 25 10.85 -1.10 -9.01
C LYS A 25 10.19 -1.65 -7.75
N GLU A 26 8.87 -1.58 -7.70
CA GLU A 26 8.12 -2.10 -6.56
C GLU A 26 8.24 -3.61 -6.47
N LEU A 27 8.21 -4.28 -7.62
CA LEU A 27 8.32 -5.73 -7.67
C LEU A 27 9.69 -6.21 -7.20
N ILE A 28 10.68 -5.33 -7.28
CA ILE A 28 12.02 -5.63 -6.81
C ILE A 28 12.11 -5.37 -5.31
N GLN A 29 11.39 -4.34 -4.84
CA GLN A 29 11.35 -4.02 -3.42
C GLN A 29 10.61 -5.09 -2.62
N ASN A 30 9.51 -5.59 -3.16
CA ASN A 30 8.66 -6.53 -2.43
C ASN A 30 9.01 -8.00 -2.70
N GLU A 31 10.14 -8.22 -3.37
CA GLU A 31 10.69 -9.57 -3.57
C GLU A 31 9.86 -10.45 -4.51
N GLU A 32 8.74 -9.95 -5.03
CA GLU A 32 7.87 -10.76 -5.88
C GLU A 32 8.55 -11.22 -7.15
N LEU A 33 9.35 -10.34 -7.76
CA LEU A 33 9.97 -10.65 -9.04
C LEU A 33 11.02 -11.74 -8.89
N ILE A 34 11.82 -11.67 -7.83
CA ILE A 34 12.85 -12.67 -7.58
C ILE A 34 12.22 -13.97 -7.08
N ASP A 35 11.11 -13.85 -6.36
CA ASP A 35 10.35 -15.03 -5.93
C ASP A 35 9.83 -15.79 -7.15
N LEU A 36 9.37 -15.05 -8.15
CA LEU A 36 8.84 -15.63 -9.37
C LEU A 36 9.95 -16.30 -10.19
N ILE A 37 11.14 -15.73 -10.13
CA ILE A 37 12.30 -16.29 -10.82
C ILE A 37 12.67 -17.63 -10.16
N ASP A 38 12.64 -17.66 -8.83
CA ASP A 38 12.94 -18.87 -8.08
C ASP A 38 11.88 -19.94 -8.29
N LYS A 39 10.61 -19.53 -8.30
CA LYS A 39 9.50 -20.46 -8.45
C LYS A 39 9.60 -21.23 -9.77
N HIS A 40 9.94 -20.53 -10.84
CA HIS A 40 10.10 -21.16 -12.15
C HIS A 40 11.51 -21.71 -12.32
N ASN A 41 12.37 -21.43 -11.36
CA ASN A 41 13.76 -21.89 -11.41
C ASN A 41 14.44 -21.50 -12.71
N VAL A 42 14.25 -20.25 -13.11
CA VAL A 42 14.85 -19.71 -14.32
C VAL A 42 16.08 -18.88 -13.95
N ASP A 43 17.05 -18.84 -14.87
CA ASP A 43 18.34 -18.24 -14.60
C ASP A 43 18.41 -16.80 -15.09
N TYR A 44 17.59 -15.94 -14.49
CA TYR A 44 17.57 -14.52 -14.83
C TYR A 44 17.95 -13.66 -13.63
N SER A 45 18.55 -12.51 -13.90
CA SER A 45 18.84 -11.52 -12.87
C SER A 45 18.03 -10.25 -13.14
N VAL A 46 17.62 -9.58 -12.07
CA VAL A 46 16.84 -8.35 -12.19
C VAL A 46 17.77 -7.15 -12.31
N ILE A 47 17.23 -6.04 -12.81
CA ILE A 47 18.01 -4.82 -12.99
C ILE A 47 18.69 -4.46 -11.67
N GLU A 48 19.98 -4.13 -11.77
CA GLU A 48 20.83 -3.98 -10.60
C GLU A 48 20.55 -2.70 -9.81
N SER A 49 20.26 -1.61 -10.53
CA SER A 49 20.02 -0.31 -9.91
C SER A 49 18.59 0.18 -10.13
N ILE A 50 17.91 0.50 -9.03
CA ILE A 50 16.53 0.97 -9.07
C ILE A 50 16.36 2.32 -8.39
N GLU A 51 17.46 2.90 -7.91
CA GLU A 51 17.41 4.16 -7.20
C GLU A 51 16.77 5.28 -8.01
N ASN A 52 17.12 5.34 -9.30
CA ASN A 52 16.67 6.43 -10.15
C ASN A 52 15.31 6.17 -10.82
N LEU A 53 14.82 4.94 -10.71
CA LEU A 53 13.52 4.61 -11.29
C LEU A 53 12.40 5.34 -10.55
N PRO A 54 11.28 5.59 -11.24
CA PRO A 54 10.18 6.33 -10.60
C PRO A 54 9.52 5.54 -9.47
N ASN A 55 9.02 6.23 -8.46
CA ASN A 55 8.25 5.59 -7.40
C ASN A 55 6.79 5.47 -7.81
N LEU A 56 6.26 4.27 -7.76
CA LEU A 56 4.88 4.00 -8.19
C LEU A 56 3.90 4.92 -7.48
N ALA A 57 4.14 5.17 -6.20
CA ALA A 57 3.25 5.99 -5.38
C ALA A 57 3.09 7.41 -5.95
N ASP A 58 4.14 7.93 -6.56
CA ASP A 58 4.14 9.30 -7.07
C ASP A 58 3.41 9.45 -8.41
N ILE A 59 3.42 8.39 -9.22
CA ILE A 59 2.96 8.49 -10.60
C ILE A 59 1.48 8.86 -10.68
N ASN A 60 1.19 9.83 -11.55
CA ASN A 60 -0.16 10.27 -11.83
C ASN A 60 -0.97 9.15 -12.50
N VAL A 61 -2.09 8.78 -11.89
CA VAL A 61 -2.94 7.72 -12.42
C VAL A 61 -4.28 8.30 -12.87
N LYS A 62 -4.28 9.59 -13.16
CA LYS A 62 -5.47 10.28 -13.62
C LYS A 62 -5.62 10.10 -15.13
N ASP A 63 -6.86 10.07 -15.62
CA ASP A 63 -7.11 9.88 -17.04
C ASP A 63 -7.32 11.20 -17.77
N ASP A 64 -6.72 12.26 -17.22
CA ASP A 64 -6.80 13.59 -17.82
C ASP A 64 -5.80 13.75 -18.97
N ILE A 65 -4.69 13.02 -18.90
CA ILE A 65 -3.66 13.10 -19.92
C ILE A 65 -4.14 12.45 -21.22
N ASP A 66 -3.87 13.10 -22.35
CA ASP A 66 -4.19 12.52 -23.65
C ASP A 66 -3.03 11.61 -24.09
N ASP A 67 -2.95 10.43 -23.48
CA ASP A 67 -1.86 9.50 -23.76
C ASP A 67 -2.38 8.07 -23.81
N VAL A 68 -1.47 7.12 -24.01
CA VAL A 68 -1.82 5.71 -24.12
C VAL A 68 -2.37 5.16 -22.81
N LEU A 69 -1.79 5.58 -21.69
CA LEU A 69 -2.19 5.04 -20.40
C LEU A 69 -3.65 5.38 -20.11
N SER A 70 -4.08 6.58 -20.49
CA SER A 70 -5.47 6.98 -20.28
C SER A 70 -6.44 6.09 -21.05
N GLU A 71 -6.00 5.60 -22.22
CA GLU A 71 -6.81 4.66 -22.99
C GLU A 71 -6.91 3.33 -22.24
N ILE A 72 -5.78 2.85 -21.75
CA ILE A 72 -5.72 1.62 -20.99
C ILE A 72 -6.61 1.71 -19.75
N ILE A 73 -6.58 2.86 -19.09
CA ILE A 73 -7.34 3.08 -17.86
C ILE A 73 -8.84 3.04 -18.12
N LYS A 74 -9.29 3.71 -19.18
CA LYS A 74 -10.71 3.79 -19.49
C LYS A 74 -11.31 2.44 -19.86
N LYS A 75 -10.53 1.63 -20.58
CA LYS A 75 -10.99 0.32 -20.99
C LYS A 75 -10.65 -0.77 -19.99
N LYS A 76 -9.85 -0.44 -18.97
CA LYS A 76 -9.33 -1.42 -18.02
C LYS A 76 -8.71 -2.60 -18.78
N GLU A 77 -7.97 -2.29 -19.83
CA GLU A 77 -7.30 -3.33 -20.61
C GLU A 77 -6.05 -2.81 -21.32
N VAL A 78 -5.02 -3.65 -21.34
CA VAL A 78 -3.80 -3.37 -22.09
C VAL A 78 -3.56 -4.49 -23.10
N LYS A 79 -3.15 -4.11 -24.31
CA LYS A 79 -2.85 -5.07 -25.36
C LYS A 79 -1.35 -5.27 -25.50
N ILE A 80 -0.89 -6.50 -25.28
CA ILE A 80 0.53 -6.84 -25.36
C ILE A 80 0.78 -7.70 -26.60
N GLY A 81 1.90 -7.44 -27.26
CA GLY A 81 2.29 -8.18 -28.45
C GLY A 81 3.42 -9.15 -28.18
N ALA A 82 3.32 -10.34 -28.75
CA ALA A 82 4.36 -11.35 -28.65
C ALA A 82 4.44 -12.16 -29.94
N LEU A 83 5.58 -12.79 -30.18
CA LEU A 83 5.75 -13.63 -31.37
C LEU A 83 4.86 -14.87 -31.27
N LYS A 84 4.21 -15.23 -32.37
CA LYS A 84 3.31 -16.38 -32.37
C LYS A 84 4.05 -17.71 -32.50
N ASN A 85 3.40 -18.77 -32.08
CA ASN A 85 3.93 -20.13 -32.21
C ASN A 85 5.25 -20.33 -31.46
N LYS A 86 5.48 -19.52 -30.43
CA LYS A 86 6.66 -19.68 -29.59
C LYS A 86 6.32 -20.48 -28.34
N ASN A 87 7.17 -21.45 -28.02
CA ASN A 87 7.02 -22.25 -26.81
C ASN A 87 8.40 -22.65 -26.29
N TRP A 88 8.79 -22.02 -25.18
CA TRP A 88 10.09 -22.31 -24.57
C TRP A 88 9.92 -23.05 -23.25
N GLY A 89 8.78 -23.70 -23.08
CA GLY A 89 8.51 -24.50 -21.90
C GLY A 89 8.16 -23.64 -20.71
N ILE A 90 8.86 -23.87 -19.60
CA ILE A 90 8.58 -23.15 -18.37
C ILE A 90 8.98 -21.67 -18.50
N ILE A 91 9.93 -21.40 -19.38
CA ILE A 91 10.39 -20.05 -19.64
C ILE A 91 9.26 -19.19 -20.21
N GLY A 92 8.34 -19.84 -20.93
CA GLY A 92 7.21 -19.15 -21.50
C GLY A 92 6.61 -19.89 -22.68
N ASN A 93 5.33 -20.25 -22.55
CA ASN A 93 4.61 -20.96 -23.60
C ASN A 93 3.48 -20.10 -24.17
N TYR A 94 3.63 -19.71 -25.43
CA TYR A 94 2.66 -18.84 -26.09
C TYR A 94 1.86 -19.58 -27.17
N GLU A 95 1.90 -20.90 -27.14
CA GLU A 95 1.09 -21.71 -28.04
C GLU A 95 -0.39 -21.65 -27.64
N GLN A 96 -0.62 -21.27 -26.39
CA GLN A 96 -1.98 -21.04 -25.89
C GLN A 96 -2.17 -19.58 -25.49
N ASN A 97 -3.41 -19.12 -25.54
CA ASN A 97 -3.75 -17.75 -25.15
C ASN A 97 -4.90 -17.77 -24.16
N PRO A 98 -4.69 -17.26 -22.93
CA PRO A 98 -3.49 -16.58 -22.42
C PRO A 98 -2.29 -17.51 -22.24
N PRO A 99 -1.07 -17.00 -22.46
CA PRO A 99 0.13 -17.82 -22.33
C PRO A 99 0.48 -18.16 -20.88
N VAL A 100 1.36 -19.13 -20.70
CA VAL A 100 1.81 -19.54 -19.38
C VAL A 100 3.34 -19.58 -19.35
N GLY A 101 3.89 -19.63 -18.14
CA GLY A 101 5.34 -19.68 -17.95
C GLY A 101 5.86 -18.41 -17.32
N PHE A 102 7.19 -18.30 -17.24
CA PHE A 102 7.83 -17.20 -16.54
C PHE A 102 7.50 -15.84 -17.13
N TRP A 103 7.83 -15.65 -18.41
CA TRP A 103 7.71 -14.33 -19.03
C TRP A 103 6.27 -13.81 -19.02
N PRO A 104 5.28 -14.68 -19.32
CA PRO A 104 3.90 -14.25 -19.11
C PRO A 104 3.62 -13.87 -17.66
N ASP A 105 4.10 -14.67 -16.71
CA ASP A 105 3.90 -14.39 -15.30
C ASP A 105 4.54 -13.06 -14.89
N VAL A 106 5.66 -12.72 -15.51
CA VAL A 106 6.32 -11.44 -15.25
C VAL A 106 5.40 -10.29 -15.67
N MSE A 107 4.80 -10.41 -16.84
CA MSE A 107 3.95 -9.34 -17.36
C MSE A 107 2.68 -9.22 -16.52
O MSE A 107 2.15 -8.12 -16.34
CB MSE A 107 3.58 -9.59 -18.82
CG MSE A 107 2.80 -8.45 -19.46
SE MSE A 107 3.80 -6.78 -19.53
CE MSE A 107 4.73 -7.09 -21.22
N TYR A 108 2.20 -10.35 -16.00
CA TYR A 108 1.01 -10.36 -15.16
C TYR A 108 1.22 -9.59 -13.86
N ILE A 109 2.31 -9.90 -13.16
CA ILE A 109 2.56 -9.27 -11.86
C ILE A 109 2.89 -7.78 -12.02
N ILE A 110 3.46 -7.41 -13.17
CA ILE A 110 3.76 -6.00 -13.43
C ILE A 110 2.44 -5.22 -13.50
N TRP A 111 1.47 -5.77 -14.22
CA TRP A 111 0.18 -5.09 -14.41
C TRP A 111 -0.75 -5.30 -13.23
N GLU A 112 -0.54 -6.36 -12.47
CA GLU A 112 -1.24 -6.52 -11.20
C GLU A 112 -0.82 -5.42 -10.24
N THR A 113 0.49 -5.13 -10.24
CA THR A 113 1.05 -4.07 -9.41
C THR A 113 0.55 -2.70 -9.88
N ILE A 114 0.53 -2.51 -11.19
CA ILE A 114 0.04 -1.27 -11.77
C ILE A 114 -1.44 -1.08 -11.42
N SER A 115 -2.20 -2.16 -11.51
CA SER A 115 -3.63 -2.12 -11.23
C SER A 115 -3.90 -1.69 -9.79
N LYS A 116 -3.04 -2.11 -8.87
CA LYS A 116 -3.24 -1.80 -7.46
C LYS A 116 -2.89 -0.34 -7.14
N HIS A 117 -2.31 0.37 -8.09
CA HIS A 117 -2.00 1.78 -7.92
C HIS A 117 -3.00 2.67 -8.65
N ILE A 118 -3.26 2.35 -9.91
CA ILE A 118 -4.26 3.09 -10.67
C ILE A 118 -5.63 2.85 -10.06
N PHE A 119 -5.93 1.57 -9.83
CA PHE A 119 -7.16 1.16 -9.18
C PHE A 119 -6.84 0.62 -7.80
N ASN A 120 -7.65 -0.30 -7.28
CA ASN A 120 -7.47 -0.81 -5.92
C ASN A 120 -7.60 -2.34 -5.87
N ASP A 121 -7.18 -3.00 -6.94
CA ASP A 121 -7.18 -4.45 -7.00
C ASP A 121 -6.25 -4.95 -8.12
N GLU A 122 -5.61 -6.10 -7.89
CA GLU A 122 -4.66 -6.65 -8.85
C GLU A 122 -5.28 -7.02 -10.19
N ASP A 123 -6.59 -7.24 -10.22
CA ASP A 123 -7.25 -7.72 -11.44
C ASP A 123 -8.03 -6.63 -12.17
N ALA A 124 -7.83 -5.38 -11.76
CA ALA A 124 -8.58 -4.26 -12.33
C ALA A 124 -8.36 -4.16 -13.84
N ILE A 125 -7.10 -4.23 -14.26
CA ILE A 125 -6.75 -4.11 -15.67
C ILE A 125 -6.53 -5.48 -16.27
N ASN A 126 -7.24 -5.77 -17.36
CA ASN A 126 -7.12 -7.05 -18.05
C ASN A 126 -5.93 -7.04 -19.01
N ILE A 127 -5.21 -8.16 -19.06
CA ILE A 127 -4.11 -8.32 -20.00
C ILE A 127 -4.60 -9.09 -21.22
N ALA A 128 -4.56 -8.44 -22.39
CA ALA A 128 -4.96 -9.07 -23.64
C ALA A 128 -3.74 -9.30 -24.53
N TYR A 129 -3.35 -10.57 -24.68
CA TYR A 129 -2.23 -10.93 -25.53
C TYR A 129 -2.66 -11.10 -26.98
N ASN A 130 -1.96 -10.41 -27.88
CA ASN A 130 -2.12 -10.61 -29.32
C ASN A 130 -0.81 -11.09 -29.92
N TYR A 131 -0.89 -12.07 -30.83
CA TYR A 131 0.30 -12.67 -31.41
C TYR A 131 0.51 -12.23 -32.86
N TYR A 132 1.77 -11.96 -33.21
CA TYR A 132 2.13 -11.53 -34.55
C TYR A 132 3.45 -12.16 -34.99
N ASP A 133 3.70 -12.16 -36.29
CA ASP A 133 5.00 -12.59 -36.81
C ASP A 133 6.02 -11.47 -36.61
N ASN A 134 5.63 -10.25 -36.96
CA ASN A 134 6.42 -9.05 -36.67
C ASN A 134 5.68 -8.19 -35.67
N VAL A 135 6.11 -8.25 -34.41
CA VAL A 135 5.44 -7.54 -33.34
C VAL A 135 5.73 -6.03 -33.42
N PHE A 136 6.91 -5.68 -33.93
CA PHE A 136 7.31 -4.29 -34.00
C PHE A 136 6.48 -3.50 -35.03
N VAL A 137 5.96 -4.21 -36.03
CA VAL A 137 5.07 -3.60 -37.01
C VAL A 137 3.73 -3.29 -36.35
N ALA A 138 3.20 -4.27 -35.62
CA ALA A 138 1.94 -4.12 -34.91
C ALA A 138 2.04 -2.99 -33.90
N LEU A 139 3.21 -2.85 -33.29
CA LEU A 139 3.44 -1.81 -32.30
C LEU A 139 3.41 -0.43 -32.95
N ASN A 140 4.12 -0.29 -34.08
CA ASN A 140 4.16 0.97 -34.80
C ASN A 140 2.82 1.30 -35.46
N ASP A 141 1.96 0.28 -35.58
CA ASP A 141 0.63 0.46 -36.16
C ASP A 141 -0.44 0.59 -35.08
N LYS A 142 -0.02 0.62 -33.82
CA LYS A 142 -0.92 0.81 -32.69
C LYS A 142 -1.95 -0.32 -32.54
N ASP A 143 -1.60 -1.51 -33.01
CA ASP A 143 -2.42 -2.70 -32.75
C ASP A 143 -2.22 -3.15 -31.31
N ILE A 144 -1.09 -2.75 -30.72
CA ILE A 144 -0.75 -3.10 -29.35
C ILE A 144 -0.17 -1.88 -28.62
N HIS A 145 -0.29 -1.88 -27.31
CA HIS A 145 0.32 -0.83 -26.48
C HIS A 145 1.77 -1.19 -26.15
N MSE A 146 2.06 -2.49 -26.18
CA MSE A 146 3.32 -3.02 -25.68
C MSE A 146 3.77 -4.29 -26.36
O MSE A 146 2.93 -5.08 -26.80
CB MSE A 146 3.22 -3.32 -24.20
CG MSE A 146 3.45 -2.18 -23.27
SE MSE A 146 3.31 -2.87 -21.46
CE MSE A 146 5.17 -3.43 -21.21
N THR A 147 5.08 -4.51 -26.39
CA THR A 147 5.62 -5.83 -26.66
C THR A 147 5.77 -6.56 -25.34
N ASP A 148 5.93 -7.87 -25.39
CA ASP A 148 6.25 -8.65 -24.21
C ASP A 148 7.63 -8.21 -23.70
N ASN A 149 7.95 -8.57 -22.46
CA ASN A 149 9.22 -8.16 -21.86
C ASN A 149 10.42 -9.00 -22.32
N TYR A 150 10.18 -10.15 -22.93
CA TYR A 150 11.26 -11.10 -23.20
C TYR A 150 12.15 -10.65 -24.36
N PHE A 151 11.67 -9.71 -25.16
CA PHE A 151 12.41 -9.26 -26.34
C PHE A 151 13.79 -8.74 -25.97
N LEU A 152 14.77 -9.05 -26.81
CA LEU A 152 16.14 -8.64 -26.57
C LEU A 152 16.28 -7.12 -26.59
N SER A 153 17.21 -6.61 -25.78
CA SER A 153 17.49 -5.19 -25.72
C SER A 153 18.24 -4.72 -26.97
N ASN A 154 18.72 -5.67 -27.76
CA ASN A 154 19.49 -5.38 -28.96
C ASN A 154 18.71 -5.76 -30.24
N SER A 155 17.39 -5.82 -30.12
CA SER A 155 16.54 -6.28 -31.22
C SER A 155 16.55 -5.32 -32.41
N ARG A 156 16.46 -5.89 -33.62
CA ARG A 156 16.30 -5.11 -34.84
C ARG A 156 14.89 -4.53 -34.91
N LEU A 157 14.78 -3.23 -34.71
CA LEU A 157 13.49 -2.55 -34.79
C LEU A 157 13.16 -2.23 -36.25
N VAL A 158 12.72 -3.24 -36.98
CA VAL A 158 12.48 -3.12 -38.41
C VAL A 158 11.13 -3.68 -38.84
N ASP A 159 10.62 -3.21 -39.97
CA ASP A 159 9.41 -3.74 -40.55
C ASP A 159 9.72 -5.02 -41.33
N GLN A 160 8.75 -5.51 -42.10
CA GLN A 160 8.94 -6.74 -42.85
C GLN A 160 9.89 -6.54 -44.04
N SER A 161 9.91 -5.32 -44.57
CA SER A 161 10.81 -4.99 -45.67
C SER A 161 12.26 -4.96 -45.20
N GLY A 162 12.45 -4.86 -43.88
CA GLY A 162 13.78 -4.85 -43.28
C GLY A 162 14.27 -3.44 -42.98
N ASN A 163 13.38 -2.46 -43.12
CA ASN A 163 13.73 -1.06 -42.87
C ASN A 163 13.39 -0.62 -41.46
N ASN A 164 14.21 0.25 -40.89
CA ASN A 164 14.09 0.64 -39.49
C ASN A 164 12.78 1.36 -39.18
N LEU A 165 12.29 1.16 -37.95
CA LEU A 165 11.12 1.86 -37.44
C LEU A 165 11.55 2.88 -36.40
N PRO A 166 11.68 4.16 -36.81
CA PRO A 166 12.38 5.16 -36.00
C PRO A 166 11.59 5.70 -34.81
N LYS A 167 10.30 5.39 -34.74
CA LYS A 167 9.43 5.97 -33.71
C LYS A 167 9.31 5.09 -32.48
N LEU A 168 9.82 3.85 -32.57
CA LEU A 168 9.75 2.92 -31.45
C LEU A 168 10.87 3.18 -30.44
N THR A 169 10.53 3.11 -29.16
CA THR A 169 11.51 3.25 -28.09
C THR A 169 11.56 1.98 -27.26
N SER A 170 12.44 1.99 -26.24
CA SER A 170 12.62 0.83 -25.37
C SER A 170 12.61 1.21 -23.90
N GLY A 171 12.10 0.31 -23.08
CA GLY A 171 12.20 0.45 -21.64
C GLY A 171 13.54 -0.08 -21.17
N LEU A 172 13.80 0.02 -19.87
CA LEU A 172 15.04 -0.49 -19.30
C LEU A 172 15.19 -1.98 -19.55
N PRO A 173 16.44 -2.47 -19.63
CA PRO A 173 16.64 -3.92 -19.60
C PRO A 173 16.39 -4.45 -18.19
N ILE A 174 15.11 -4.61 -17.84
CA ILE A 174 14.71 -4.93 -16.48
C ILE A 174 15.20 -6.31 -16.03
N ILE A 175 15.36 -7.20 -17.00
CA ILE A 175 15.73 -8.59 -16.74
C ILE A 175 16.82 -9.03 -17.71
N LYS A 176 17.85 -9.66 -17.17
CA LYS A 176 18.99 -10.12 -17.97
C LYS A 176 19.26 -11.60 -17.74
N HIS A 177 19.94 -12.22 -18.71
CA HIS A 177 20.58 -13.51 -18.47
C HIS A 177 22.04 -13.40 -18.91
N SER A 178 22.89 -14.22 -18.32
CA SER A 178 24.33 -14.13 -18.58
C SER A 178 24.77 -15.10 -19.67
N ASN A 179 25.99 -14.89 -20.16
CA ASN A 179 26.57 -15.74 -21.19
C ASN A 179 27.80 -16.48 -20.65
N LYS A 180 27.70 -17.81 -20.61
CA LYS A 180 28.80 -18.62 -20.12
C LYS A 180 29.74 -18.99 -21.26
N ILE A 181 30.99 -19.25 -20.91
CA ILE A 181 32.02 -19.59 -21.88
C ILE A 181 32.61 -20.95 -21.53
N MSE A 182 32.44 -21.93 -22.41
CA MSE A 182 33.07 -23.22 -22.20
C MSE A 182 34.31 -23.36 -23.08
O MSE A 182 34.33 -22.95 -24.24
CB MSE A 182 32.08 -24.37 -22.47
CG MSE A 182 31.47 -24.42 -23.84
SE MSE A 182 30.39 -26.06 -23.98
CE MSE A 182 31.85 -27.35 -24.01
N ILE A 183 35.36 -23.92 -22.49
CA ILE A 183 36.67 -23.99 -23.13
C ILE A 183 37.45 -25.18 -22.58
N LEU A 184 38.36 -25.72 -23.38
CA LEU A 184 39.21 -26.82 -22.94
C LEU A 184 40.15 -26.36 -21.84
N LYS A 185 40.26 -27.16 -20.78
CA LYS A 185 41.11 -26.84 -19.64
C LYS A 185 42.58 -26.68 -20.05
N GLU A 186 42.96 -27.36 -21.12
CA GLU A 186 44.36 -27.43 -21.52
C GLU A 186 44.95 -26.06 -21.85
N TYR A 187 44.09 -25.09 -22.16
CA TYR A 187 44.56 -23.74 -22.50
C TYR A 187 44.87 -22.91 -21.26
N ASN A 188 44.51 -23.43 -20.09
CA ASN A 188 44.79 -22.75 -18.82
C ASN A 188 44.07 -21.41 -18.73
N ILE A 189 42.89 -21.34 -19.36
CA ILE A 189 42.07 -20.14 -19.36
C ILE A 189 40.76 -20.40 -18.62
N ASN A 190 40.55 -19.71 -17.50
CA ASN A 190 39.33 -19.90 -16.72
C ASN A 190 38.64 -18.57 -16.37
N ASN A 191 39.02 -17.49 -17.06
CA ASN A 191 38.33 -16.22 -16.88
C ASN A 191 38.38 -15.37 -18.14
N LEU A 192 37.59 -14.31 -18.16
CA LEU A 192 37.48 -13.42 -19.30
C LEU A 192 38.81 -12.69 -19.56
N GLU A 193 39.56 -12.44 -18.50
CA GLU A 193 40.83 -11.73 -18.59
C GLU A 193 41.89 -12.58 -19.29
N ASP A 194 42.02 -13.84 -18.87
CA ASP A 194 42.96 -14.75 -19.50
C ASP A 194 42.59 -14.99 -20.96
N LEU A 195 41.29 -15.01 -21.23
CA LEU A 195 40.78 -15.22 -22.58
C LEU A 195 41.20 -14.06 -23.48
N LYS A 196 41.01 -12.84 -23.00
CA LYS A 196 41.40 -11.64 -23.75
C LYS A 196 42.86 -11.69 -24.15
N SER A 197 43.73 -12.03 -23.20
CA SER A 197 45.16 -12.15 -23.47
C SER A 197 45.41 -13.17 -24.58
N TYR A 198 44.77 -14.32 -24.49
CA TYR A 198 44.96 -15.37 -25.50
C TYR A 198 44.51 -14.90 -26.88
N ILE A 199 43.31 -14.34 -26.97
CA ILE A 199 42.79 -13.84 -28.24
C ILE A 199 43.70 -12.74 -28.79
N SER A 200 44.33 -11.98 -27.90
CA SER A 200 45.20 -10.89 -28.31
C SER A 200 46.53 -11.42 -28.85
N LYS A 201 46.97 -12.55 -28.31
CA LYS A 201 48.23 -13.16 -28.75
C LYS A 201 48.07 -13.96 -30.04
N ASN A 202 46.87 -14.52 -30.26
CA ASN A 202 46.64 -15.45 -31.35
C ASN A 202 45.63 -14.94 -32.37
N GLU A 203 45.74 -15.45 -33.60
CA GLU A 203 44.94 -15.01 -34.73
C GLU A 203 44.27 -16.18 -35.43
N GLY A 204 43.20 -15.90 -36.16
CA GLY A 204 42.52 -16.91 -36.94
C GLY A 204 41.55 -17.77 -36.15
N LEU A 205 41.37 -17.43 -34.87
CA LEU A 205 40.47 -18.19 -34.00
C LEU A 205 39.01 -17.98 -34.39
N LYS A 206 38.18 -18.95 -34.02
CA LYS A 206 36.75 -18.91 -34.33
C LYS A 206 35.93 -19.26 -33.09
N ILE A 207 34.80 -18.60 -32.92
CA ILE A 207 33.97 -18.78 -31.73
C ILE A 207 32.63 -19.40 -32.08
N ALA A 208 32.28 -20.46 -31.35
CA ALA A 208 30.99 -21.13 -31.54
C ALA A 208 29.96 -20.61 -30.55
N CYS A 209 28.74 -20.40 -31.02
CA CYS A 209 27.65 -19.88 -30.21
C CYS A 209 26.34 -20.61 -30.53
N LEU A 210 25.49 -20.79 -29.53
CA LEU A 210 24.22 -21.47 -29.73
C LEU A 210 23.18 -20.51 -30.30
N THR A 211 23.32 -19.24 -29.97
CA THR A 211 22.43 -18.20 -30.48
C THR A 211 23.24 -17.01 -30.96
N GLU A 212 22.60 -16.13 -31.74
CA GLU A 212 23.24 -14.91 -32.21
C GLU A 212 23.58 -14.00 -31.03
N ALA A 213 22.70 -13.98 -30.03
CA ALA A 213 22.88 -13.13 -28.86
C ALA A 213 24.11 -13.54 -28.07
N ASN A 214 24.42 -14.83 -28.06
CA ASN A 214 25.61 -15.33 -27.37
C ASN A 214 26.87 -14.74 -27.99
N CYS A 215 26.99 -14.82 -29.31
CA CYS A 215 28.15 -14.29 -30.01
C CYS A 215 28.23 -12.77 -29.91
N ASN A 216 27.08 -12.10 -29.88
CA ASN A 216 27.04 -10.65 -29.78
C ASN A 216 27.62 -10.14 -28.46
N ALA A 217 27.36 -10.85 -27.38
CA ALA A 217 27.85 -10.47 -26.07
C ALA A 217 29.38 -10.46 -26.06
N LEU A 218 29.99 -11.34 -26.85
CA LEU A 218 31.45 -11.42 -26.94
C LEU A 218 31.99 -10.55 -28.07
N LYS A 219 31.17 -10.31 -29.09
CA LYS A 219 31.58 -9.45 -30.19
C LYS A 219 31.87 -8.05 -29.69
N ASN A 220 31.15 -7.63 -28.65
CA ASN A 220 31.37 -6.34 -28.02
C ASN A 220 32.78 -6.21 -27.46
N ILE A 221 33.38 -7.35 -27.11
CA ILE A 221 34.70 -7.36 -26.50
C ILE A 221 35.79 -7.54 -27.54
N PHE A 222 35.63 -8.50 -28.43
CA PHE A 222 36.72 -8.93 -29.30
C PHE A 222 36.68 -8.36 -30.71
N LEU A 223 35.52 -7.84 -31.13
CA LEU A 223 35.40 -7.20 -32.44
C LEU A 223 35.74 -8.18 -33.57
N ASP A 224 36.63 -7.79 -34.48
CA ASP A 224 36.94 -8.61 -35.65
C ASP A 224 38.19 -9.47 -35.44
N LYS A 225 38.67 -9.55 -34.20
CA LYS A 225 39.82 -10.40 -33.87
C LYS A 225 39.52 -11.87 -34.09
N VAL A 226 38.24 -12.21 -34.15
CA VAL A 226 37.81 -13.59 -34.35
C VAL A 226 36.60 -13.65 -35.26
N THR A 227 36.27 -14.85 -35.74
CA THR A 227 35.06 -15.07 -36.52
C THR A 227 33.98 -15.69 -35.63
N TYR A 228 32.73 -15.32 -35.89
CA TYR A 228 31.61 -15.74 -35.04
C TYR A 228 30.66 -16.66 -35.80
N ASP A 229 30.49 -17.87 -35.27
CA ASP A 229 29.60 -18.85 -35.86
C ASP A 229 28.51 -19.27 -34.88
N TYR A 230 27.26 -18.95 -35.21
CA TYR A 230 26.12 -19.32 -34.38
C TYR A 230 25.06 -20.10 -35.16
N LYS A 231 25.14 -20.03 -36.49
CA LYS A 231 24.18 -20.69 -37.35
C LYS A 231 24.37 -22.20 -37.38
N SER A 232 25.60 -22.65 -37.13
CA SER A 232 25.94 -24.06 -37.29
C SER A 232 25.53 -24.93 -36.09
N PHE A 233 25.01 -24.31 -35.04
CA PHE A 233 24.73 -25.02 -33.79
C PHE A 233 23.28 -24.84 -33.34
N SER A 234 22.61 -25.98 -33.11
CA SER A 234 21.20 -25.99 -32.73
C SER A 234 20.98 -26.60 -31.34
N SER A 235 22.04 -27.06 -30.70
CA SER A 235 21.93 -27.67 -29.39
C SER A 235 23.24 -27.63 -28.62
N TYR A 236 23.13 -27.85 -27.31
CA TYR A 236 24.29 -27.89 -26.44
C TYR A 236 25.27 -28.97 -26.88
N ILE A 237 24.74 -30.12 -27.29
CA ILE A 237 25.56 -31.24 -27.72
C ILE A 237 26.35 -30.88 -28.99
N ASP A 238 25.69 -30.17 -29.91
CA ASP A 238 26.35 -29.72 -31.14
C ASP A 238 27.46 -28.75 -30.80
N LEU A 239 27.10 -27.72 -30.04
CA LEU A 239 28.05 -26.70 -29.60
C LEU A 239 29.25 -27.34 -28.93
N SER A 240 28.98 -28.26 -28.02
CA SER A 240 30.04 -28.90 -27.22
C SER A 240 30.96 -29.75 -28.08
N LYS A 241 30.39 -30.47 -29.04
CA LYS A 241 31.16 -31.29 -29.96
C LYS A 241 32.23 -30.46 -30.66
N SER A 242 31.87 -29.23 -31.01
CA SER A 242 32.76 -28.34 -31.75
C SER A 242 33.93 -27.86 -30.92
N VAL A 243 33.68 -27.57 -29.64
CA VAL A 243 34.74 -27.16 -28.73
C VAL A 243 35.68 -28.33 -28.44
N LEU A 244 35.11 -29.52 -28.25
CA LEU A 244 35.89 -30.71 -27.97
C LEU A 244 36.70 -31.15 -29.18
N SER A 245 36.12 -30.98 -30.37
CA SER A 245 36.81 -31.30 -31.62
C SER A 245 37.92 -30.30 -31.93
N LYS A 246 38.00 -29.25 -31.12
CA LYS A 246 39.08 -28.28 -31.19
C LYS A 246 38.97 -27.38 -32.43
N SER A 247 37.79 -27.34 -33.04
CA SER A 247 37.56 -26.50 -34.21
C SER A 247 37.29 -25.06 -33.81
N HIS A 248 36.68 -24.88 -32.65
CA HIS A 248 36.39 -23.54 -32.11
C HIS A 248 37.01 -23.40 -30.72
N ILE A 249 37.72 -22.30 -30.50
CA ILE A 249 38.48 -22.11 -29.27
C ILE A 249 37.59 -22.08 -28.03
N ILE A 250 36.39 -21.52 -28.17
CA ILE A 250 35.43 -21.49 -27.07
C ILE A 250 34.01 -21.71 -27.58
N GLY A 251 33.13 -22.05 -26.64
CA GLY A 251 31.71 -22.15 -26.91
C GLY A 251 30.96 -21.20 -25.99
N VAL A 252 30.13 -20.34 -26.58
CA VAL A 252 29.34 -19.40 -25.81
C VAL A 252 27.91 -19.91 -25.69
N ILE A 253 27.42 -19.98 -24.46
CA ILE A 253 26.10 -20.56 -24.20
C ILE A 253 25.54 -20.05 -22.87
N SER A 254 24.22 -19.93 -22.79
CA SER A 254 23.57 -19.36 -21.62
C SER A 254 23.33 -20.37 -20.51
N GLY A 255 23.41 -21.65 -20.82
CA GLY A 255 23.16 -22.70 -19.84
C GLY A 255 23.89 -24.00 -20.11
N ILE A 256 24.01 -24.81 -19.06
CA ILE A 256 24.70 -26.10 -19.13
C ILE A 256 23.75 -27.21 -18.65
N PRO A 257 23.14 -27.96 -19.59
CA PRO A 257 22.26 -29.07 -19.23
C PRO A 257 22.95 -30.17 -18.42
N PHE A 258 24.16 -30.55 -18.83
CA PHE A 258 24.95 -31.54 -18.11
C PHE A 258 26.44 -31.22 -18.25
N ASN A 259 27.26 -31.81 -17.38
CA ASN A 259 28.69 -31.53 -17.34
C ASN A 259 29.53 -32.53 -18.14
N PHE A 260 30.52 -32.02 -18.86
CA PHE A 260 31.56 -32.86 -19.43
C PHE A 260 32.65 -33.04 -18.38
N ASN A 261 33.65 -33.87 -18.69
CA ASN A 261 34.70 -34.20 -17.73
C ASN A 261 35.34 -32.95 -17.12
N GLU A 262 35.32 -32.88 -15.79
CA GLU A 262 35.93 -31.81 -15.01
C GLU A 262 37.35 -31.48 -15.47
N HIS A 263 38.12 -32.52 -15.80
CA HIS A 263 39.54 -32.37 -16.05
C HIS A 263 39.85 -31.93 -17.48
N LYS A 264 38.83 -31.98 -18.35
CA LYS A 264 39.01 -31.68 -19.77
C LYS A 264 38.35 -30.37 -20.18
N ILE A 265 37.21 -30.07 -19.56
CA ILE A 265 36.43 -28.90 -19.95
C ILE A 265 36.30 -27.91 -18.80
N ASN A 266 36.29 -26.64 -19.17
CA ASN A 266 36.12 -25.54 -18.23
C ASN A 266 34.90 -24.73 -18.62
N VAL A 267 34.13 -24.28 -17.63
CA VAL A 267 33.01 -23.37 -17.88
C VAL A 267 32.97 -22.28 -16.81
N PHE A 268 33.02 -21.03 -17.26
CA PHE A 268 32.96 -19.90 -16.35
C PHE A 268 31.99 -18.85 -16.87
N ASP A 269 31.41 -18.08 -15.95
CA ASP A 269 30.46 -17.03 -16.30
C ASP A 269 31.20 -15.75 -16.63
N SER A 270 31.13 -15.34 -17.89
CA SER A 270 31.78 -14.11 -18.34
C SER A 270 31.13 -12.87 -17.73
N PHE A 271 29.89 -13.03 -17.27
CA PHE A 271 29.07 -11.93 -16.76
C PHE A 271 28.81 -10.87 -17.83
N LEU A 272 29.03 -11.24 -19.09
CA LEU A 272 28.60 -10.43 -20.21
C LEU A 272 27.12 -10.72 -20.44
N LYS A 273 26.27 -9.76 -20.10
CA LYS A 273 24.83 -10.02 -20.01
C LYS A 273 24.08 -9.73 -21.30
N THR A 274 22.95 -10.42 -21.44
CA THR A 274 21.99 -10.18 -22.51
C THR A 274 20.71 -9.67 -21.88
N GLY A 275 20.38 -8.41 -22.15
CA GLY A 275 19.23 -7.77 -21.53
C GLY A 275 17.92 -8.06 -22.26
N HIS A 276 16.83 -7.96 -21.50
CA HIS A 276 15.48 -8.09 -22.05
C HIS A 276 14.66 -6.84 -21.69
N SER A 277 13.91 -6.32 -22.67
CA SER A 277 13.10 -5.12 -22.43
C SER A 277 11.82 -5.12 -23.26
N ALA A 278 10.87 -4.30 -22.84
CA ALA A 278 9.64 -4.08 -23.59
C ALA A 278 9.83 -2.88 -24.52
N TYR A 279 9.08 -2.85 -25.61
CA TYR A 279 9.17 -1.76 -26.57
C TYR A 279 7.84 -1.03 -26.72
N PHE A 280 7.92 0.28 -26.96
CA PHE A 280 6.75 1.14 -27.03
C PHE A 280 6.82 2.04 -28.26
N LYS A 281 5.69 2.68 -28.58
CA LYS A 281 5.65 3.67 -29.66
C LYS A 281 5.80 5.07 -29.06
N ALA A 282 6.94 5.71 -29.35
CA ALA A 282 7.30 6.95 -28.67
C ALA A 282 6.86 8.22 -29.43
N ALA A 283 6.30 8.06 -30.61
CA ALA A 283 5.88 9.20 -31.41
C ALA A 283 4.81 8.81 -32.43
N ALA A 284 4.02 9.79 -32.85
CA ALA A 284 2.97 9.55 -33.84
C ALA A 284 3.53 9.59 -35.25
N SER B 2 21.72 53.03 -26.24
CA SER B 2 22.68 54.02 -25.73
C SER B 2 22.04 54.95 -24.70
N MSE B 3 20.77 55.24 -24.90
CA MSE B 3 20.10 56.22 -24.04
C MSE B 3 19.89 55.74 -22.61
O MSE B 3 19.81 56.57 -21.71
CB MSE B 3 18.76 56.63 -24.63
CG MSE B 3 18.83 57.04 -26.08
SE MSE B 3 20.41 58.11 -26.50
CE MSE B 3 20.81 57.34 -28.24
N GLY B 4 19.84 54.44 -22.39
CA GLY B 4 19.62 53.90 -21.05
C GLY B 4 18.18 53.98 -20.58
N VAL B 5 17.27 54.46 -21.44
CA VAL B 5 15.88 54.64 -21.05
C VAL B 5 15.21 53.31 -20.71
N GLU B 6 15.54 52.26 -21.47
CA GLU B 6 14.91 50.97 -21.29
C GLU B 6 15.12 50.42 -19.89
N GLU B 7 16.30 50.67 -19.34
CA GLU B 7 16.67 50.14 -18.03
C GLU B 7 16.11 50.97 -16.88
N VAL B 8 15.99 52.27 -17.08
CA VAL B 8 15.59 53.18 -16.02
C VAL B 8 14.16 52.89 -15.54
N VAL B 9 13.34 52.34 -16.45
CA VAL B 9 11.91 52.14 -16.19
C VAL B 9 11.53 50.67 -16.05
N ASN B 10 12.51 49.80 -15.90
CA ASN B 10 12.27 48.37 -15.94
C ASN B 10 11.70 47.80 -14.64
N ASN B 11 11.03 48.63 -13.84
CA ASN B 11 10.53 48.21 -12.54
C ASN B 11 9.00 48.27 -12.40
N LYS B 12 8.29 48.01 -13.49
CA LYS B 12 6.83 48.06 -13.47
C LYS B 12 6.21 46.73 -13.05
N ALA B 13 6.97 45.65 -13.22
CA ALA B 13 6.50 44.31 -12.87
C ALA B 13 7.25 43.75 -11.67
N LYS B 14 8.05 44.60 -11.02
CA LYS B 14 8.94 44.18 -9.95
C LYS B 14 8.20 43.45 -8.82
N ARG B 15 7.08 44.02 -8.38
CA ARG B 15 6.33 43.45 -7.26
C ARG B 15 5.73 42.11 -7.61
N LEU B 16 5.37 41.92 -8.87
CA LEU B 16 4.83 40.66 -9.34
C LEU B 16 5.93 39.61 -9.46
N ILE B 17 7.06 40.00 -10.02
CA ILE B 17 8.19 39.09 -10.20
C ILE B 17 8.72 38.63 -8.85
N ASP B 18 8.74 39.52 -7.86
CA ASP B 18 9.26 39.19 -6.54
C ASP B 18 8.38 38.15 -5.85
N ILE B 19 7.06 38.38 -5.83
CA ILE B 19 6.15 37.45 -5.17
C ILE B 19 6.10 36.15 -5.96
N TYR B 20 6.33 36.24 -7.26
CA TYR B 20 6.45 35.07 -8.12
C TYR B 20 7.63 34.21 -7.66
N HIS B 21 8.80 34.85 -7.54
CA HIS B 21 10.00 34.15 -7.08
C HIS B 21 9.86 33.65 -5.65
N ALA B 22 9.26 34.46 -4.78
CA ALA B 22 9.09 34.10 -3.39
C ALA B 22 8.15 32.91 -3.24
N ALA B 23 7.18 32.83 -4.15
CA ALA B 23 6.24 31.71 -4.15
C ALA B 23 6.94 30.44 -4.59
N VAL B 24 7.75 30.53 -5.63
CA VAL B 24 8.52 29.38 -6.11
C VAL B 24 9.42 28.88 -4.99
N LYS B 25 10.01 29.80 -4.24
CA LYS B 25 10.89 29.44 -3.13
C LYS B 25 10.13 28.62 -2.10
N GLU B 26 8.96 29.11 -1.70
CA GLU B 26 8.09 28.40 -0.77
C GLU B 26 7.83 26.98 -1.26
N LEU B 27 7.61 26.85 -2.57
CA LEU B 27 7.26 25.56 -3.16
C LEU B 27 8.43 24.59 -3.19
N ILE B 28 9.65 25.12 -3.36
CA ILE B 28 10.83 24.28 -3.32
C ILE B 28 11.11 23.82 -1.89
N GLN B 29 10.82 24.69 -0.92
CA GLN B 29 11.12 24.41 0.48
C GLN B 29 10.14 23.41 1.10
N ASN B 30 8.88 23.46 0.68
CA ASN B 30 7.90 22.46 1.11
C ASN B 30 7.84 21.29 0.13
N GLU B 31 8.68 21.34 -0.91
CA GLU B 31 8.86 20.25 -1.87
C GLU B 31 7.64 19.96 -2.74
N GLU B 32 6.67 20.87 -2.76
CA GLU B 32 5.50 20.70 -3.63
C GLU B 32 5.88 20.74 -5.11
N LEU B 33 6.93 21.49 -5.43
CA LEU B 33 7.38 21.62 -6.82
C LEU B 33 8.14 20.36 -7.24
N ILE B 34 8.98 19.87 -6.35
CA ILE B 34 9.72 18.63 -6.59
C ILE B 34 8.73 17.48 -6.72
N ASP B 35 7.68 17.49 -5.91
CA ASP B 35 6.62 16.48 -5.98
C ASP B 35 5.99 16.45 -7.36
N LEU B 36 5.82 17.64 -7.94
CA LEU B 36 5.19 17.77 -9.24
C LEU B 36 6.08 17.16 -10.32
N ILE B 37 7.39 17.34 -10.20
CA ILE B 37 8.34 16.73 -11.12
C ILE B 37 8.27 15.20 -11.02
N ASP B 38 8.12 14.70 -9.80
CA ASP B 38 8.06 13.26 -9.58
C ASP B 38 6.74 12.70 -10.08
N LYS B 39 5.66 13.46 -9.89
CA LYS B 39 4.33 13.06 -10.34
C LYS B 39 4.31 12.78 -11.83
N HIS B 40 4.91 13.69 -12.59
CA HIS B 40 4.95 13.57 -14.05
C HIS B 40 6.23 12.88 -14.52
N ASN B 41 7.17 12.68 -13.58
CA ASN B 41 8.46 12.06 -13.88
C ASN B 41 9.12 12.74 -15.08
N VAL B 42 9.10 14.07 -15.08
CA VAL B 42 9.69 14.84 -16.15
C VAL B 42 11.16 15.10 -15.86
N ASP B 43 11.95 15.25 -16.93
CA ASP B 43 13.38 15.46 -16.80
C ASP B 43 13.70 16.94 -16.58
N TYR B 44 13.29 17.45 -15.43
CA TYR B 44 13.62 18.81 -15.02
C TYR B 44 14.11 18.83 -13.58
N SER B 45 14.91 19.83 -13.24
CA SER B 45 15.33 20.07 -11.87
C SER B 45 14.99 21.50 -11.46
N VAL B 46 14.75 21.72 -10.18
CA VAL B 46 14.43 23.05 -9.69
C VAL B 46 15.71 23.87 -9.58
N ILE B 47 15.57 25.20 -9.56
CA ILE B 47 16.71 26.08 -9.43
C ILE B 47 17.40 25.87 -8.09
N GLU B 48 18.73 25.86 -8.11
CA GLU B 48 19.54 25.71 -6.90
C GLU B 48 19.83 27.08 -6.29
N SER B 49 20.33 27.08 -5.05
CA SER B 49 20.63 28.33 -4.34
C SER B 49 19.38 29.20 -4.20
N ILE B 50 18.33 28.61 -3.65
CA ILE B 50 17.07 29.31 -3.45
C ILE B 50 17.19 30.39 -2.37
N GLU B 51 18.33 30.41 -1.69
CA GLU B 51 18.61 31.45 -0.71
C GLU B 51 18.71 32.80 -1.40
N ASN B 52 18.99 32.78 -2.70
CA ASN B 52 19.04 34.00 -3.51
C ASN B 52 17.66 34.62 -3.71
N LEU B 53 16.62 33.80 -3.61
CA LEU B 53 15.25 34.25 -3.86
C LEU B 53 14.65 34.92 -2.62
N PRO B 54 13.74 35.90 -2.84
CA PRO B 54 13.06 36.55 -1.72
C PRO B 54 12.16 35.60 -0.94
N ASN B 55 11.80 35.98 0.28
CA ASN B 55 10.89 35.19 1.11
C ASN B 55 9.50 35.81 1.09
N LEU B 56 8.47 34.96 1.05
CA LEU B 56 7.09 35.42 0.95
C LEU B 56 6.68 36.38 2.08
N ALA B 57 7.16 36.11 3.29
CA ALA B 57 6.76 36.88 4.46
C ALA B 57 7.18 38.35 4.35
N ASP B 58 8.23 38.60 3.59
CA ASP B 58 8.80 39.94 3.45
C ASP B 58 8.52 40.58 2.10
N ILE B 59 7.50 40.08 1.40
CA ILE B 59 7.15 40.59 0.08
C ILE B 59 6.18 41.76 0.18
N ASN B 60 6.43 42.77 -0.65
CA ASN B 60 5.52 43.91 -0.75
C ASN B 60 4.17 43.47 -1.29
N VAL B 61 3.10 43.88 -0.61
CA VAL B 61 1.77 43.38 -0.93
C VAL B 61 0.71 44.50 -0.85
N LYS B 62 1.15 45.76 -0.98
CA LYS B 62 0.21 46.87 -1.03
C LYS B 62 -0.77 46.69 -2.17
N ASP B 63 -2.03 47.04 -1.93
CA ASP B 63 -3.08 46.86 -2.93
C ASP B 63 -3.44 48.17 -3.63
N ASP B 64 -2.84 49.27 -3.20
CA ASP B 64 -3.16 50.60 -3.73
C ASP B 64 -2.05 51.18 -4.62
N ILE B 65 -0.97 50.42 -4.81
CA ILE B 65 0.06 50.82 -5.76
C ILE B 65 -0.44 50.57 -7.18
N ASP B 66 -0.22 51.52 -8.07
CA ASP B 66 -0.70 51.40 -9.45
C ASP B 66 0.27 50.59 -10.30
N ASP B 67 0.21 49.26 -10.19
CA ASP B 67 1.05 48.38 -10.99
C ASP B 67 0.32 47.08 -11.34
N VAL B 68 1.03 46.17 -11.99
CA VAL B 68 0.45 44.93 -12.48
C VAL B 68 -0.07 44.04 -11.35
N LEU B 69 0.65 44.02 -10.23
CA LEU B 69 0.29 43.15 -9.12
C LEU B 69 -1.03 43.59 -8.47
N SER B 70 -1.19 44.90 -8.31
CA SER B 70 -2.40 45.43 -7.68
C SER B 70 -3.64 45.13 -8.51
N GLU B 71 -3.49 45.17 -9.84
CA GLU B 71 -4.59 44.84 -10.74
C GLU B 71 -5.03 43.40 -10.52
N ILE B 72 -4.06 42.50 -10.39
CA ILE B 72 -4.34 41.08 -10.16
C ILE B 72 -5.07 40.90 -8.82
N ILE B 73 -4.59 41.58 -7.80
CA ILE B 73 -5.19 41.50 -6.47
C ILE B 73 -6.62 42.06 -6.49
N LYS B 74 -6.76 43.26 -7.06
CA LYS B 74 -8.05 43.92 -7.15
C LYS B 74 -9.07 43.04 -7.87
N LYS B 75 -8.66 42.45 -8.99
CA LYS B 75 -9.56 41.67 -9.84
C LYS B 75 -9.58 40.19 -9.46
N LYS B 76 -8.72 39.79 -8.52
CA LYS B 76 -8.61 38.38 -8.12
C LYS B 76 -8.41 37.48 -9.33
N GLU B 77 -7.62 37.94 -10.29
CA GLU B 77 -7.40 37.19 -11.51
C GLU B 77 -6.07 37.53 -12.17
N VAL B 78 -5.37 36.49 -12.63
CA VAL B 78 -4.14 36.66 -13.39
C VAL B 78 -4.35 36.12 -14.80
N LYS B 79 -3.89 36.88 -15.79
CA LYS B 79 -3.98 36.47 -17.19
C LYS B 79 -2.65 35.89 -17.65
N ILE B 80 -2.65 34.59 -17.94
CA ILE B 80 -1.45 33.88 -18.35
C ILE B 80 -1.46 33.66 -19.85
N GLY B 81 -0.37 34.00 -20.50
CA GLY B 81 -0.22 33.79 -21.93
C GLY B 81 0.50 32.51 -22.26
N ALA B 82 -0.02 31.79 -23.25
CA ALA B 82 0.60 30.56 -23.73
C ALA B 82 0.38 30.42 -25.22
N LEU B 83 1.23 29.65 -25.88
CA LEU B 83 1.17 29.48 -27.33
C LEU B 83 0.04 28.56 -27.74
N LYS B 84 -0.62 28.90 -28.84
CA LYS B 84 -1.72 28.11 -29.38
C LYS B 84 -1.29 26.70 -29.77
N ASN B 85 -2.16 25.73 -29.50
CA ASN B 85 -2.07 24.40 -30.07
C ASN B 85 -0.74 23.69 -29.78
N LYS B 86 -0.17 23.95 -28.62
CA LYS B 86 1.01 23.22 -28.17
C LYS B 86 0.59 21.98 -27.41
N ASN B 87 1.08 20.84 -27.87
CA ASN B 87 0.80 19.56 -27.23
C ASN B 87 2.08 18.77 -27.07
N TRP B 88 2.67 18.89 -25.89
CA TRP B 88 3.88 18.16 -25.54
C TRP B 88 3.53 16.94 -24.70
N GLY B 89 2.28 16.52 -24.79
CA GLY B 89 1.79 15.38 -24.04
C GLY B 89 1.78 15.66 -22.57
N ILE B 90 2.41 14.76 -21.81
CA ILE B 90 2.44 14.84 -20.36
C ILE B 90 3.17 16.12 -19.92
N ILE B 91 4.15 16.55 -20.70
CA ILE B 91 4.92 17.75 -20.39
C ILE B 91 4.01 18.97 -20.32
N GLY B 92 3.02 19.03 -21.21
CA GLY B 92 2.09 20.14 -21.25
C GLY B 92 1.25 20.14 -22.51
N ASN B 93 -0.06 20.08 -22.34
CA ASN B 93 -1.00 20.08 -23.44
C ASN B 93 -1.92 21.28 -23.34
N TYR B 94 -1.92 22.11 -24.38
CA TYR B 94 -2.67 23.37 -24.37
C TYR B 94 -3.76 23.39 -25.44
N GLU B 95 -4.11 22.21 -25.95
CA GLU B 95 -5.24 22.09 -26.87
C GLU B 95 -6.53 22.38 -26.12
N GLN B 96 -6.54 22.06 -24.83
CA GLN B 96 -7.68 22.35 -23.96
C GLN B 96 -7.38 23.55 -23.07
N ASN B 97 -8.44 24.19 -22.59
CA ASN B 97 -8.35 25.34 -21.71
C ASN B 97 -9.38 25.21 -20.60
N PRO B 98 -8.93 25.00 -19.34
CA PRO B 98 -7.56 25.02 -18.81
C PRO B 98 -6.65 23.95 -19.41
N PRO B 99 -5.35 24.24 -19.54
CA PRO B 99 -4.40 23.26 -20.06
C PRO B 99 -4.07 22.17 -19.04
N VAL B 100 -3.47 21.09 -19.51
CA VAL B 100 -3.23 19.90 -18.68
C VAL B 100 -1.80 19.39 -18.85
N GLY B 101 -1.19 19.02 -17.74
CA GLY B 101 0.16 18.47 -17.74
C GLY B 101 1.06 19.10 -16.69
N PHE B 102 2.36 18.90 -16.87
CA PHE B 102 3.35 19.37 -15.89
C PHE B 102 3.38 20.89 -15.79
N TRP B 103 3.64 21.57 -16.91
CA TRP B 103 3.81 23.01 -16.89
C TRP B 103 2.55 23.73 -16.38
N PRO B 104 1.36 23.31 -16.84
CA PRO B 104 0.15 23.89 -16.26
C PRO B 104 0.08 23.69 -14.74
N ASP B 105 0.36 22.47 -14.27
CA ASP B 105 0.36 22.18 -12.84
C ASP B 105 1.30 23.10 -12.07
N VAL B 106 2.49 23.34 -12.62
CA VAL B 106 3.46 24.23 -11.99
C VAL B 106 2.86 25.61 -11.78
N MSE B 107 2.22 26.15 -12.82
CA MSE B 107 1.63 27.48 -12.74
C MSE B 107 0.45 27.51 -11.78
O MSE B 107 0.17 28.54 -11.17
CB MSE B 107 1.18 27.94 -14.13
CG MSE B 107 0.69 29.37 -14.17
SE MSE B 107 2.10 30.64 -13.71
CE MSE B 107 2.97 30.76 -15.44
N TYR B 108 -0.25 26.39 -11.65
CA TYR B 108 -1.41 26.29 -10.77
C TYR B 108 -1.00 26.41 -9.29
N ILE B 109 0.04 25.69 -8.90
CA ILE B 109 0.48 25.71 -7.50
C ILE B 109 1.19 27.02 -7.14
N ILE B 110 1.77 27.69 -8.14
CA ILE B 110 2.45 28.96 -7.89
C ILE B 110 1.43 30.01 -7.47
N TRP B 111 0.29 30.05 -8.15
CA TRP B 111 -0.72 31.05 -7.87
C TRP B 111 -1.65 30.64 -6.74
N GLU B 112 -1.74 29.33 -6.50
CA GLU B 112 -2.39 28.85 -5.30
C GLU B 112 -1.58 29.32 -4.09
N THR B 113 -0.26 29.37 -4.27
CA THR B 113 0.64 29.81 -3.20
C THR B 113 0.55 31.33 -3.00
N ILE B 114 0.53 32.08 -4.09
CA ILE B 114 0.40 33.53 -4.01
C ILE B 114 -0.96 33.90 -3.46
N SER B 115 -1.99 33.23 -3.95
CA SER B 115 -3.36 33.50 -3.54
C SER B 115 -3.54 33.24 -2.05
N LYS B 116 -2.87 32.21 -1.55
CA LYS B 116 -2.92 31.88 -0.13
C LYS B 116 -2.27 33.01 0.68
N HIS B 117 -1.13 33.49 0.21
CA HIS B 117 -0.39 34.52 0.95
C HIS B 117 -1.17 35.83 1.04
N ILE B 118 -1.85 36.18 -0.05
CA ILE B 118 -2.54 37.47 -0.13
C ILE B 118 -3.94 37.43 0.48
N PHE B 119 -4.66 36.33 0.26
CA PHE B 119 -6.07 36.23 0.65
C PHE B 119 -6.35 35.14 1.67
N ASN B 120 -5.33 34.40 2.07
CA ASN B 120 -5.49 33.26 2.95
C ASN B 120 -6.46 32.24 2.34
N ASP B 121 -6.46 32.19 1.01
CA ASP B 121 -7.32 31.28 0.26
C ASP B 121 -6.67 30.95 -1.08
N GLU B 122 -6.27 29.69 -1.24
CA GLU B 122 -5.57 29.24 -2.45
C GLU B 122 -6.33 29.51 -3.75
N ASP B 123 -7.66 29.41 -3.70
CA ASP B 123 -8.47 29.48 -4.91
C ASP B 123 -9.07 30.86 -5.17
N ALA B 124 -8.69 31.85 -4.36
CA ALA B 124 -9.26 33.19 -4.49
C ALA B 124 -8.89 33.82 -5.83
N ILE B 125 -7.63 33.69 -6.22
CA ILE B 125 -7.17 34.24 -7.49
C ILE B 125 -7.40 33.24 -8.62
N ASN B 126 -8.27 33.62 -9.56
CA ASN B 126 -8.54 32.79 -10.71
C ASN B 126 -7.41 32.87 -11.74
N ILE B 127 -7.02 31.72 -12.29
CA ILE B 127 -6.05 31.67 -13.36
C ILE B 127 -6.77 31.64 -14.70
N ALA B 128 -6.57 32.67 -15.50
CA ALA B 128 -7.17 32.75 -16.82
C ALA B 128 -6.10 32.60 -17.90
N TYR B 129 -5.95 31.38 -18.42
CA TYR B 129 -5.06 31.15 -19.55
C TYR B 129 -5.65 31.75 -20.82
N ASN B 130 -4.85 32.56 -21.50
CA ASN B 130 -5.20 33.11 -22.80
C ASN B 130 -4.19 32.67 -23.85
N TYR B 131 -4.68 32.13 -24.97
CA TYR B 131 -3.79 31.57 -25.98
C TYR B 131 -3.59 32.54 -27.15
N TYR B 132 -2.35 32.64 -27.61
CA TYR B 132 -1.97 33.55 -28.69
C TYR B 132 -1.00 32.88 -29.65
N ASP B 133 -0.92 33.41 -30.86
CA ASP B 133 0.07 32.96 -31.82
C ASP B 133 1.42 33.60 -31.52
N ASN B 134 1.39 34.80 -30.95
CA ASN B 134 2.60 35.44 -30.46
C ASN B 134 2.38 35.99 -29.05
N VAL B 135 2.85 35.23 -28.06
CA VAL B 135 2.59 35.54 -26.66
C VAL B 135 3.30 36.81 -26.22
N PHE B 136 4.49 37.05 -26.78
CA PHE B 136 5.33 38.15 -26.35
C PHE B 136 4.71 39.50 -26.74
N VAL B 137 4.11 39.56 -27.92
CA VAL B 137 3.41 40.76 -28.36
C VAL B 137 2.23 41.02 -27.43
N ALA B 138 1.51 39.96 -27.09
CA ALA B 138 0.37 40.07 -26.18
C ALA B 138 0.84 40.58 -24.82
N LEU B 139 1.99 40.09 -24.37
CA LEU B 139 2.58 40.56 -23.12
C LEU B 139 2.94 42.04 -23.23
N ASN B 140 3.46 42.43 -24.39
CA ASN B 140 3.86 43.81 -24.61
C ASN B 140 2.64 44.75 -24.68
N ASP B 141 1.53 44.23 -25.19
CA ASP B 141 0.28 45.00 -25.27
C ASP B 141 -0.50 44.94 -23.96
N LYS B 142 0.04 44.21 -22.99
CA LYS B 142 -0.59 44.04 -21.68
C LYS B 142 -1.97 43.39 -21.79
N ASP B 143 -2.11 42.47 -22.75
CA ASP B 143 -3.29 41.62 -22.82
C ASP B 143 -3.20 40.52 -21.76
N ILE B 144 -1.98 40.26 -21.31
CA ILE B 144 -1.71 39.29 -20.27
C ILE B 144 -0.77 39.92 -19.25
N HIS B 145 -0.74 39.35 -18.04
CA HIS B 145 0.12 39.85 -16.99
C HIS B 145 1.50 39.17 -17.02
N MSE B 146 1.53 37.95 -17.57
CA MSE B 146 2.76 37.18 -17.65
C MSE B 146 2.62 36.01 -18.61
O MSE B 146 1.50 35.59 -18.93
CB MSE B 146 3.17 36.66 -16.28
CG MSE B 146 2.17 35.69 -15.66
SE MSE B 146 2.62 35.12 -13.84
CE MSE B 146 4.30 34.22 -14.25
N THR B 147 3.74 35.47 -19.08
CA THR B 147 3.74 34.28 -19.91
C THR B 147 3.77 33.04 -19.03
N ASP B 148 3.61 31.88 -19.67
CA ASP B 148 3.74 30.61 -18.97
C ASP B 148 5.22 30.44 -18.58
N ASN B 149 5.49 29.49 -17.69
CA ASN B 149 6.85 29.27 -17.20
C ASN B 149 7.73 28.46 -18.16
N TYR B 150 7.14 27.85 -19.18
CA TYR B 150 7.89 26.89 -19.99
C TYR B 150 8.83 27.55 -21.01
N PHE B 151 8.70 28.85 -21.21
CA PHE B 151 9.54 29.55 -22.17
C PHE B 151 11.00 29.55 -21.73
N LEU B 152 11.92 29.50 -22.69
CA LEU B 152 13.35 29.48 -22.39
C LEU B 152 13.77 30.80 -21.78
N SER B 153 14.49 30.72 -20.65
CA SER B 153 14.80 31.89 -19.84
C SER B 153 15.96 32.72 -20.40
N ASN B 154 16.00 33.98 -19.98
CA ASN B 154 17.12 34.88 -20.28
C ASN B 154 17.38 35.00 -21.78
N SER B 155 16.33 35.30 -22.54
CA SER B 155 16.42 35.48 -23.98
C SER B 155 15.91 36.85 -24.39
N ARG B 156 16.42 37.34 -25.53
CA ARG B 156 15.94 38.59 -26.11
C ARG B 156 14.83 38.29 -27.11
N LEU B 157 13.60 38.67 -26.76
CA LEU B 157 12.43 38.26 -27.51
C LEU B 157 12.23 39.04 -28.80
N VAL B 158 11.47 38.46 -29.71
CA VAL B 158 11.17 39.08 -31.00
C VAL B 158 9.69 38.85 -31.34
N ASP B 159 9.22 39.47 -32.42
CA ASP B 159 7.80 39.37 -32.77
C ASP B 159 7.55 39.36 -34.28
N SER B 161 8.31 38.89 -37.83
CA SER B 161 9.34 38.43 -36.90
C SER B 161 10.59 39.30 -36.96
N GLY B 162 11.44 39.17 -35.94
CA GLY B 162 12.75 39.79 -35.96
C GLY B 162 12.89 41.04 -35.10
N ASN B 163 11.79 41.76 -34.89
CA ASN B 163 11.85 43.02 -34.13
C ASN B 163 11.84 42.78 -32.63
N ASN B 164 12.89 43.26 -31.96
CA ASN B 164 13.06 43.04 -30.54
C ASN B 164 11.98 43.70 -29.69
N LEU B 165 11.65 43.08 -28.56
CA LEU B 165 10.71 43.63 -27.59
C LEU B 165 11.44 43.93 -26.29
N PRO B 166 12.10 45.09 -26.20
CA PRO B 166 13.00 45.35 -25.07
C PRO B 166 12.29 45.73 -23.78
N LYS B 167 10.97 45.86 -23.81
CA LYS B 167 10.21 46.18 -22.61
C LYS B 167 9.95 44.93 -21.76
N LEU B 168 10.21 43.76 -22.35
CA LEU B 168 9.98 42.49 -21.68
C LEU B 168 11.24 42.01 -20.97
N THR B 169 11.06 41.33 -19.84
CA THR B 169 12.19 40.76 -19.11
C THR B 169 11.87 39.34 -18.65
N SER B 170 12.94 38.56 -18.43
CA SER B 170 12.79 37.18 -18.01
C SER B 170 12.81 37.07 -16.49
N GLY B 171 12.09 36.08 -15.97
CA GLY B 171 12.23 35.70 -14.58
C GLY B 171 13.46 34.81 -14.46
N LEU B 172 13.78 34.42 -13.23
CA LEU B 172 14.89 33.51 -13.00
C LEU B 172 14.59 32.14 -13.60
N PRO B 173 15.64 31.38 -13.96
CA PRO B 173 15.42 30.01 -14.45
C PRO B 173 15.01 29.07 -13.33
N ILE B 174 13.75 29.15 -12.91
CA ILE B 174 13.28 28.40 -11.75
C ILE B 174 13.29 26.90 -12.01
N ILE B 175 13.23 26.53 -13.29
CA ILE B 175 13.24 25.12 -13.69
C ILE B 175 14.20 24.97 -14.87
N LYS B 176 14.97 23.89 -14.85
CA LYS B 176 16.03 23.66 -15.84
C LYS B 176 16.00 22.22 -16.34
N HIS B 177 16.48 22.02 -17.56
CA HIS B 177 16.72 20.68 -18.09
C HIS B 177 18.18 20.60 -18.51
N SER B 178 18.73 19.39 -18.50
CA SER B 178 20.13 19.16 -18.79
C SER B 178 20.35 18.92 -20.27
N ASN B 179 21.62 18.99 -20.69
CA ASN B 179 22.01 18.65 -22.04
C ASN B 179 23.10 17.59 -22.01
N LYS B 180 22.66 16.33 -22.01
CA LYS B 180 23.59 15.20 -21.98
C LYS B 180 24.12 14.91 -23.39
N ILE B 181 25.29 14.30 -23.47
CA ILE B 181 25.93 14.02 -24.75
C ILE B 181 26.26 12.54 -24.90
N MSE B 182 25.78 11.95 -26.00
CA MSE B 182 26.10 10.57 -26.34
C MSE B 182 27.23 10.54 -27.37
O MSE B 182 27.27 11.36 -28.28
CB MSE B 182 24.87 9.85 -26.91
CG MSE B 182 23.66 9.87 -26.01
SE MSE B 182 22.24 8.72 -26.71
CE MSE B 182 20.88 9.16 -25.41
N ILE B 183 28.13 9.58 -27.23
CA ILE B 183 29.22 9.41 -28.16
C ILE B 183 29.85 8.03 -28.03
N LEU B 184 30.33 7.49 -29.15
CA LEU B 184 31.08 6.25 -29.15
C LEU B 184 32.31 6.34 -28.25
N LYS B 185 32.53 5.31 -27.44
CA LYS B 185 33.71 5.24 -26.58
C LYS B 185 34.99 5.29 -27.40
N GLU B 186 34.85 4.97 -28.68
CA GLU B 186 35.94 4.96 -29.65
C GLU B 186 36.88 6.17 -29.53
N TYR B 187 36.29 7.37 -29.45
CA TYR B 187 37.08 8.60 -29.47
C TYR B 187 37.69 8.94 -28.12
N ASN B 188 37.22 8.27 -27.07
CA ASN B 188 37.71 8.51 -25.71
C ASN B 188 37.49 9.96 -25.30
N ILE B 189 36.30 10.46 -25.60
CA ILE B 189 35.86 11.79 -25.16
C ILE B 189 34.80 11.60 -24.08
N ASN B 190 35.08 12.10 -22.88
CA ASN B 190 34.20 11.90 -21.73
C ASN B 190 33.90 13.22 -21.02
N ASN B 191 34.22 14.33 -21.66
CA ASN B 191 33.93 15.65 -21.11
C ASN B 191 33.81 16.69 -22.21
N LEU B 192 33.30 17.87 -21.87
CA LEU B 192 33.00 18.89 -22.86
C LEU B 192 34.26 19.50 -23.48
N GLU B 193 35.28 19.74 -22.66
CA GLU B 193 36.51 20.38 -23.15
C GLU B 193 37.25 19.52 -24.18
N ASP B 194 37.27 18.20 -23.95
CA ASP B 194 37.90 17.29 -24.89
C ASP B 194 37.09 17.25 -26.18
N LEU B 195 35.77 17.34 -26.04
CA LEU B 195 34.89 17.38 -27.21
C LEU B 195 35.10 18.69 -27.97
N LYS B 196 35.38 19.76 -27.23
CA LYS B 196 35.64 21.06 -27.81
C LYS B 196 36.92 21.03 -28.67
N SER B 197 37.93 20.31 -28.20
CA SER B 197 39.20 20.20 -28.91
C SER B 197 39.06 19.38 -30.19
N TYR B 198 38.30 18.29 -30.10
CA TYR B 198 38.14 17.38 -31.23
C TYR B 198 37.40 18.04 -32.39
N ILE B 199 36.43 18.89 -32.09
CA ILE B 199 35.63 19.55 -33.11
C ILE B 199 36.46 20.64 -33.80
N SER B 200 37.40 21.23 -33.07
CA SER B 200 38.28 22.24 -33.65
C SER B 200 39.15 21.62 -34.74
N LYS B 201 39.67 20.42 -34.46
CA LYS B 201 40.48 19.69 -35.43
C LYS B 201 39.61 19.14 -36.55
N ASN B 202 38.48 18.54 -36.18
CA ASN B 202 37.63 17.83 -37.13
C ASN B 202 36.42 18.65 -37.54
N GLU B 203 36.38 19.01 -38.82
CA GLU B 203 35.31 19.85 -39.37
C GLU B 203 34.38 19.04 -40.26
N GLY B 204 33.19 19.59 -40.53
CA GLY B 204 32.27 18.99 -41.49
C GLY B 204 31.34 17.96 -40.91
N LEU B 205 31.46 17.70 -39.61
CA LEU B 205 30.60 16.72 -38.95
C LEU B 205 29.26 17.35 -38.57
N LYS B 206 28.38 16.55 -37.97
CA LYS B 206 27.05 17.03 -37.60
C LYS B 206 26.55 16.35 -36.34
N ILE B 207 25.76 17.06 -35.55
CA ILE B 207 25.25 16.53 -34.28
C ILE B 207 23.74 16.28 -34.37
N ALA B 208 23.29 15.20 -33.73
CA ALA B 208 21.88 14.87 -33.65
C ALA B 208 21.30 15.41 -32.34
N CYS B 209 20.08 15.91 -32.41
CA CYS B 209 19.41 16.48 -31.23
C CYS B 209 17.94 16.08 -31.19
N LEU B 210 17.47 15.77 -29.99
CA LEU B 210 16.07 15.38 -29.82
C LEU B 210 15.17 16.61 -29.96
N THR B 211 15.68 17.76 -29.55
CA THR B 211 14.97 19.03 -29.69
C THR B 211 15.92 20.10 -30.24
N GLU B 212 15.36 21.13 -30.83
CA GLU B 212 16.17 22.24 -31.33
C GLU B 212 16.89 22.94 -30.18
N ALA B 213 16.27 22.91 -29.00
CA ALA B 213 16.85 23.50 -27.80
C ALA B 213 18.19 22.84 -27.46
N ASN B 214 18.23 21.51 -27.56
CA ASN B 214 19.46 20.76 -27.32
C ASN B 214 20.59 21.23 -28.23
N CYS B 215 20.30 21.33 -29.53
CA CYS B 215 21.28 21.79 -30.49
C CYS B 215 21.72 23.23 -30.23
N ASN B 216 20.76 24.07 -29.85
CA ASN B 216 21.05 25.48 -29.57
C ASN B 216 21.98 25.63 -28.37
N ALA B 217 21.80 24.77 -27.38
CA ALA B 217 22.61 24.82 -26.16
C ALA B 217 24.08 24.58 -26.48
N LEU B 218 24.34 23.73 -27.46
CA LEU B 218 25.71 23.40 -27.86
C LEU B 218 26.25 24.37 -28.90
N LYS B 219 25.37 25.08 -29.61
CA LYS B 219 25.80 26.02 -30.64
C LYS B 219 26.61 27.15 -30.03
N ASN B 220 26.38 27.43 -28.75
CA ASN B 220 27.14 28.46 -28.05
C ASN B 220 28.61 28.08 -27.92
N ILE B 221 28.87 26.77 -27.93
CA ILE B 221 30.23 26.25 -27.77
C ILE B 221 30.90 26.01 -29.13
N PHE B 222 30.17 25.35 -30.03
CA PHE B 222 30.74 24.92 -31.32
C PHE B 222 30.53 25.93 -32.44
N LEU B 223 29.40 26.63 -32.40
CA LEU B 223 29.05 27.63 -33.42
C LEU B 223 28.95 27.00 -34.81
N ASP B 224 29.60 27.60 -35.81
CA ASP B 224 29.46 27.15 -37.19
C ASP B 224 30.41 26.01 -37.55
N LYS B 225 31.23 25.58 -36.60
CA LYS B 225 32.19 24.50 -36.83
C LYS B 225 31.49 23.17 -37.08
N VAL B 226 30.20 23.11 -36.75
CA VAL B 226 29.40 21.91 -36.96
C VAL B 226 28.00 22.33 -37.41
N THR B 227 27.33 21.46 -38.17
CA THR B 227 25.94 21.70 -38.55
C THR B 227 25.02 21.00 -37.56
N TYR B 228 23.77 21.42 -37.51
CA TYR B 228 22.84 20.97 -36.49
C TYR B 228 21.60 20.29 -37.07
N ASP B 229 21.33 19.09 -36.58
CA ASP B 229 20.21 18.28 -37.03
C ASP B 229 19.28 17.99 -35.86
N TYR B 230 18.16 18.72 -35.80
CA TYR B 230 17.23 18.63 -34.68
C TYR B 230 15.82 18.23 -35.12
N LYS B 231 15.68 17.83 -36.38
CA LYS B 231 14.43 17.31 -36.89
C LYS B 231 14.58 15.81 -37.11
N SER B 232 13.46 15.09 -37.06
CA SER B 232 13.36 13.68 -37.43
C SER B 232 13.60 12.69 -36.28
N PHE B 233 14.12 13.17 -35.15
CA PHE B 233 14.42 12.28 -34.03
C PHE B 233 13.25 12.23 -33.04
N SER B 234 12.77 11.02 -32.77
CA SER B 234 11.59 10.82 -31.94
C SER B 234 11.94 10.54 -30.48
N SER B 235 12.96 9.71 -30.27
CA SER B 235 13.42 9.38 -28.93
C SER B 235 14.93 9.14 -28.92
N TYR B 236 15.43 8.67 -27.78
CA TYR B 236 16.86 8.53 -27.56
C TYR B 236 17.47 7.36 -28.34
N ILE B 237 16.77 6.23 -28.35
CA ILE B 237 17.27 5.03 -29.04
C ILE B 237 17.32 5.30 -30.54
N ASP B 238 16.34 6.04 -31.04
CA ASP B 238 16.30 6.44 -32.43
C ASP B 238 17.50 7.34 -32.76
N LEU B 239 17.81 8.22 -31.83
CA LEU B 239 18.87 9.19 -32.01
C LEU B 239 20.26 8.57 -31.82
N SER B 240 20.35 7.60 -30.91
CA SER B 240 21.63 6.96 -30.61
C SER B 240 22.05 6.00 -31.73
N LYS B 241 21.10 5.62 -32.56
CA LYS B 241 21.40 4.75 -33.70
C LYS B 241 22.16 5.52 -34.76
N SER B 242 21.93 6.82 -34.83
CA SER B 242 22.65 7.70 -35.74
C SER B 242 24.07 7.97 -35.23
N VAL B 243 24.24 7.86 -33.92
CA VAL B 243 25.57 7.96 -33.31
C VAL B 243 26.37 6.70 -33.63
N LEU B 244 25.71 5.55 -33.56
CA LEU B 244 26.36 4.26 -33.84
C LEU B 244 26.77 4.15 -35.31
N SER B 245 26.03 4.82 -36.18
CA SER B 245 26.27 4.74 -37.61
C SER B 245 27.29 5.76 -38.10
N LYS B 246 27.77 6.60 -37.17
CA LYS B 246 28.76 7.64 -37.47
C LYS B 246 28.23 8.71 -38.41
N SER B 247 26.92 8.71 -38.65
CA SER B 247 26.30 9.77 -39.45
C SER B 247 26.35 11.09 -38.70
N HIS B 248 26.25 10.99 -37.38
CA HIS B 248 26.32 12.16 -36.51
C HIS B 248 27.40 11.95 -35.46
N ILE B 249 28.18 13.01 -35.19
CA ILE B 249 29.32 12.86 -34.30
C ILE B 249 28.89 12.70 -32.85
N ILE B 250 27.81 13.38 -32.44
CA ILE B 250 27.28 13.21 -31.09
C ILE B 250 25.77 13.24 -31.06
N GLY B 251 25.22 12.79 -29.94
CA GLY B 251 23.78 12.80 -29.71
C GLY B 251 23.46 13.58 -28.45
N VAL B 252 22.52 14.53 -28.56
CA VAL B 252 22.17 15.39 -27.44
C VAL B 252 20.74 15.14 -26.96
N ILE B 253 20.60 14.78 -25.68
CA ILE B 253 19.28 14.56 -25.08
C ILE B 253 19.19 15.20 -23.70
N SER B 254 17.97 15.29 -23.18
CA SER B 254 17.74 15.81 -21.84
C SER B 254 17.25 14.70 -20.91
N GLY B 255 16.87 13.57 -21.48
CA GLY B 255 16.23 12.51 -20.73
C GLY B 255 17.15 11.38 -20.29
N ILE B 256 16.52 10.28 -19.89
CA ILE B 256 17.24 9.08 -19.46
C ILE B 256 17.21 8.04 -20.57
N PRO B 257 18.40 7.69 -21.11
CA PRO B 257 18.39 6.63 -22.12
C PRO B 257 18.33 5.26 -21.47
N PHE B 258 17.12 4.71 -21.36
CA PHE B 258 16.88 3.46 -20.66
C PHE B 258 17.71 2.30 -21.21
N ASN B 259 17.66 2.13 -22.53
CA ASN B 259 18.31 1.01 -23.20
C ASN B 259 19.11 1.45 -24.42
N PHE B 260 20.43 1.42 -24.28
CA PHE B 260 21.34 1.71 -25.39
C PHE B 260 22.60 0.88 -25.26
N ASN B 261 23.34 0.75 -26.35
CA ASN B 261 24.56 -0.05 -26.36
C ASN B 261 25.64 0.59 -25.49
N GLU B 262 25.66 0.22 -24.21
CA GLU B 262 26.61 0.81 -23.26
C GLU B 262 28.03 0.30 -23.48
N HIS B 263 28.19 -0.66 -24.39
CA HIS B 263 29.51 -1.20 -24.70
C HIS B 263 30.20 -0.37 -25.79
N LYS B 264 29.40 0.30 -26.62
CA LYS B 264 29.92 1.10 -27.71
C LYS B 264 29.75 2.60 -27.48
N ILE B 265 28.80 2.95 -26.61
CA ILE B 265 28.49 4.37 -26.34
C ILE B 265 28.66 4.70 -24.86
N ASN B 266 29.25 5.87 -24.58
CA ASN B 266 29.25 6.43 -23.24
C ASN B 266 28.47 7.74 -23.21
N VAL B 267 27.84 8.03 -22.08
CA VAL B 267 27.04 9.24 -21.90
C VAL B 267 27.69 10.11 -20.83
N PHE B 268 28.01 11.34 -21.20
CA PHE B 268 28.55 12.30 -20.24
C PHE B 268 27.78 13.61 -20.31
N ASP B 269 27.77 14.33 -19.20
CA ASP B 269 27.04 15.58 -19.08
C ASP B 269 27.91 16.74 -19.55
N SER B 270 27.33 17.60 -20.40
CA SER B 270 28.00 18.83 -20.80
C SER B 270 27.98 19.84 -19.65
N PHE B 271 27.11 19.59 -18.68
CA PHE B 271 26.89 20.49 -17.55
C PHE B 271 26.47 21.88 -18.04
N LEU B 272 25.86 21.90 -19.23
CA LEU B 272 25.22 23.08 -19.75
C LEU B 272 23.70 22.92 -19.58
N LYS B 273 23.11 23.73 -18.71
CA LYS B 273 21.70 23.61 -18.40
C LYS B 273 20.88 24.72 -19.06
N THR B 274 19.80 24.33 -19.71
CA THR B 274 18.87 25.27 -20.32
C THR B 274 17.77 25.63 -19.33
N GLY B 275 17.61 26.93 -19.08
CA GLY B 275 16.66 27.41 -18.11
C GLY B 275 15.30 27.70 -18.70
N HIS B 276 14.28 27.62 -17.86
CA HIS B 276 12.92 28.00 -18.22
C HIS B 276 12.41 29.08 -17.27
N SER B 277 11.66 30.04 -17.79
CA SER B 277 11.03 31.03 -16.92
C SER B 277 9.90 31.78 -17.60
N ALA B 278 9.05 32.38 -16.79
CA ALA B 278 7.99 33.25 -17.28
C ALA B 278 8.59 34.59 -17.66
N TYR B 279 7.88 35.32 -18.52
CA TYR B 279 8.28 36.66 -18.91
C TYR B 279 7.23 37.68 -18.48
N PHE B 280 7.70 38.89 -18.21
CA PHE B 280 6.85 39.97 -17.72
C PHE B 280 7.13 41.25 -18.50
N LYS B 281 6.23 42.22 -18.39
CA LYS B 281 6.47 43.53 -18.97
C LYS B 281 7.11 44.43 -17.93
N ALA B 282 8.43 44.56 -17.99
CA ALA B 282 9.20 45.28 -16.98
C ALA B 282 9.15 46.80 -17.17
N ALA B 283 9.04 47.23 -18.42
CA ALA B 283 9.04 48.65 -18.74
C ALA B 283 7.63 49.18 -18.91
N ALA B 284 7.47 50.48 -18.72
CA ALA B 284 6.18 51.15 -18.92
C ALA B 284 5.78 51.11 -20.38
N LYS C 12 -6.12 -37.06 40.62
CA LYS C 12 -5.21 -36.72 41.71
C LYS C 12 -5.09 -35.22 41.89
N ALA C 13 -5.13 -34.50 40.76
CA ALA C 13 -5.01 -33.04 40.77
C ALA C 13 -6.37 -32.37 40.57
N LYS C 14 -7.42 -33.18 40.48
CA LYS C 14 -8.75 -32.68 40.16
C LYS C 14 -9.25 -31.63 41.16
N ARG C 15 -9.07 -31.89 42.44
CA ARG C 15 -9.49 -30.94 43.46
C ARG C 15 -8.64 -29.67 43.42
N LEU C 16 -7.35 -29.85 43.15
CA LEU C 16 -6.41 -28.74 43.09
C LEU C 16 -6.75 -27.81 41.93
N ILE C 17 -7.02 -28.40 40.77
CA ILE C 17 -7.33 -27.61 39.58
C ILE C 17 -8.67 -26.90 39.76
N ASP C 18 -9.62 -27.56 40.42
CA ASP C 18 -10.94 -26.97 40.64
C ASP C 18 -10.88 -25.76 41.57
N ILE C 19 -10.24 -25.91 42.72
CA ILE C 19 -10.17 -24.83 43.69
C ILE C 19 -9.34 -23.69 43.10
N TYR C 20 -8.40 -24.04 42.23
CA TYR C 20 -7.63 -23.05 41.48
C TYR C 20 -8.55 -22.24 40.59
N HIS C 21 -9.35 -22.92 39.77
CA HIS C 21 -10.30 -22.26 38.89
C HIS C 21 -11.36 -21.50 39.69
N ALA C 22 -11.80 -22.09 40.79
CA ALA C 22 -12.81 -21.48 41.64
C ALA C 22 -12.30 -20.19 42.26
N ALA C 23 -11.01 -20.18 42.61
CA ALA C 23 -10.37 -19.00 43.18
C ALA C 23 -10.26 -17.90 42.13
N VAL C 24 -9.93 -18.29 40.90
CA VAL C 24 -9.83 -17.34 39.79
C VAL C 24 -11.20 -16.71 39.54
N LYS C 25 -12.25 -17.53 39.58
CA LYS C 25 -13.60 -17.04 39.41
C LYS C 25 -13.92 -15.99 40.47
N GLU C 26 -13.50 -16.27 41.70
CA GLU C 26 -13.71 -15.34 42.80
C GLU C 26 -13.00 -14.02 42.52
N LEU C 27 -11.78 -14.10 42.03
CA LEU C 27 -10.98 -12.91 41.75
C LEU C 27 -11.58 -12.09 40.62
N ILE C 28 -12.27 -12.76 39.70
CA ILE C 28 -12.89 -12.07 38.58
C ILE C 28 -14.20 -11.44 39.03
N GLN C 29 -14.91 -12.13 39.92
CA GLN C 29 -16.16 -11.61 40.47
C GLN C 29 -15.94 -10.30 41.21
N ASN C 30 -14.88 -10.23 42.01
CA ASN C 30 -14.59 -9.04 42.80
C ASN C 30 -13.57 -8.12 42.13
N GLU C 31 -13.25 -8.41 40.88
CA GLU C 31 -12.40 -7.57 40.05
C GLU C 31 -11.00 -7.33 40.62
N GLU C 32 -10.55 -8.22 41.51
CA GLU C 32 -9.20 -8.11 42.07
C GLU C 32 -8.14 -8.37 41.00
N LEU C 33 -8.44 -9.28 40.09
CA LEU C 33 -7.47 -9.66 39.05
C LEU C 33 -7.30 -8.54 38.03
N ILE C 34 -8.40 -7.90 37.66
CA ILE C 34 -8.36 -6.80 36.71
C ILE C 34 -7.73 -5.57 37.37
N ASP C 35 -7.99 -5.37 38.66
CA ASP C 35 -7.37 -4.28 39.40
C ASP C 35 -5.86 -4.44 39.43
N LEU C 36 -5.41 -5.69 39.57
CA LEU C 36 -3.98 -5.99 39.59
C LEU C 36 -3.36 -5.68 38.22
N ILE C 37 -4.05 -6.09 37.17
CA ILE C 37 -3.60 -5.82 35.80
C ILE C 37 -3.48 -4.31 35.58
N ASP C 38 -4.47 -3.57 36.05
CA ASP C 38 -4.50 -2.13 35.89
C ASP C 38 -3.38 -1.47 36.71
N LYS C 39 -3.13 -2.00 37.90
CA LYS C 39 -2.08 -1.48 38.76
C LYS C 39 -0.70 -1.61 38.11
N HIS C 40 -0.51 -2.69 37.37
CA HIS C 40 0.77 -2.95 36.70
C HIS C 40 0.82 -2.37 35.29
N ASN C 41 -0.26 -1.71 34.88
CA ASN C 41 -0.30 -1.01 33.60
C ASN C 41 0.12 -1.89 32.43
N VAL C 42 -0.26 -3.17 32.48
CA VAL C 42 0.01 -4.12 31.41
C VAL C 42 -1.28 -4.47 30.69
N ASP C 43 -1.19 -4.72 29.39
CA ASP C 43 -2.37 -4.97 28.57
C ASP C 43 -2.73 -6.45 28.52
N TYR C 44 -3.17 -6.97 29.67
CA TYR C 44 -3.69 -8.33 29.76
C TYR C 44 -5.20 -8.29 29.96
N SER C 45 -5.88 -9.27 29.38
CA SER C 45 -7.30 -9.49 29.66
C SER C 45 -7.44 -10.81 30.40
N VAL C 46 -8.66 -11.11 30.86
CA VAL C 46 -8.89 -12.30 31.68
C VAL C 46 -9.85 -13.29 31.02
N ILE C 47 -9.97 -14.47 31.63
CA ILE C 47 -10.82 -15.54 31.13
C ILE C 47 -12.28 -15.09 31.06
N GLU C 48 -12.98 -15.54 30.03
CA GLU C 48 -14.38 -15.18 29.83
C GLU C 48 -15.33 -16.25 30.34
N SER C 49 -16.61 -15.89 30.41
CA SER C 49 -17.68 -16.83 30.75
C SER C 49 -17.36 -17.64 32.00
N ILE C 50 -17.29 -16.95 33.14
CA ILE C 50 -16.94 -17.60 34.41
C ILE C 50 -18.07 -18.52 34.89
N GLU C 51 -19.21 -18.49 34.22
CA GLU C 51 -20.27 -19.44 34.49
C GLU C 51 -19.79 -20.86 34.19
N ASN C 52 -18.73 -20.96 33.40
CA ASN C 52 -18.13 -22.25 33.08
C ASN C 52 -17.34 -22.83 34.25
N LEU C 53 -16.96 -21.97 35.19
CA LEU C 53 -16.07 -22.35 36.28
C LEU C 53 -16.85 -22.75 37.53
N PRO C 54 -16.28 -23.67 38.33
CA PRO C 54 -16.91 -24.05 39.60
C PRO C 54 -16.81 -22.94 40.66
N ASN C 55 -17.68 -23.00 41.66
CA ASN C 55 -17.68 -22.01 42.73
C ASN C 55 -16.84 -22.45 43.91
N LEU C 56 -16.19 -21.49 44.54
CA LEU C 56 -15.31 -21.79 45.67
C LEU C 56 -16.10 -22.40 46.82
N ALA C 57 -17.37 -22.07 46.90
CA ALA C 57 -18.23 -22.57 47.97
C ALA C 57 -18.56 -24.05 47.78
N ASP C 58 -18.48 -24.52 46.54
CA ASP C 58 -18.87 -25.88 46.20
C ASP C 58 -17.71 -26.88 46.27
N ILE C 59 -16.49 -26.40 46.48
CA ILE C 59 -15.31 -27.25 46.47
C ILE C 59 -15.14 -27.99 47.79
N ASN C 60 -14.85 -29.29 47.70
CA ASN C 60 -14.46 -30.08 48.86
C ASN C 60 -13.07 -29.67 49.33
N VAL C 61 -12.97 -29.18 50.57
CA VAL C 61 -11.72 -28.69 51.11
C VAL C 61 -11.18 -29.55 52.26
N LYS C 62 -11.71 -30.75 52.41
CA LYS C 62 -11.24 -31.68 53.43
C LYS C 62 -9.78 -32.06 53.20
N ASP C 63 -9.05 -32.32 54.27
CA ASP C 63 -7.64 -32.72 54.18
C ASP C 63 -7.46 -34.21 54.50
N ASP C 64 -8.57 -34.96 54.49
CA ASP C 64 -8.54 -36.39 54.78
C ASP C 64 -8.73 -37.23 53.51
N ILE C 65 -8.59 -36.59 52.35
CA ILE C 65 -8.69 -37.25 51.06
C ILE C 65 -7.28 -37.49 50.51
N ASP C 66 -7.07 -38.67 49.94
CA ASP C 66 -5.77 -39.03 49.38
C ASP C 66 -5.55 -38.38 48.02
N ASP C 67 -5.09 -37.14 48.02
CA ASP C 67 -4.75 -36.43 46.80
C ASP C 67 -3.80 -35.29 47.07
N VAL C 68 -3.48 -34.52 46.03
CA VAL C 68 -2.48 -33.48 46.12
C VAL C 68 -2.93 -32.33 47.03
N LEU C 69 -4.21 -31.95 46.94
CA LEU C 69 -4.71 -30.79 47.66
C LEU C 69 -4.55 -30.97 49.17
N SER C 70 -4.74 -32.19 49.64
CA SER C 70 -4.58 -32.49 51.07
C SER C 70 -3.13 -32.28 51.49
N GLU C 71 -2.20 -32.67 50.64
CA GLU C 71 -0.78 -32.46 50.90
C GLU C 71 -0.50 -30.98 51.07
N ILE C 72 -1.03 -30.18 50.15
CA ILE C 72 -0.83 -28.74 50.18
C ILE C 72 -1.48 -28.12 51.41
N ILE C 73 -2.72 -28.52 51.69
CA ILE C 73 -3.46 -28.00 52.84
C ILE C 73 -2.74 -28.35 54.14
N LYS C 74 -2.35 -29.62 54.27
CA LYS C 74 -1.68 -30.09 55.48
C LYS C 74 -0.35 -29.37 55.70
N LYS C 75 0.45 -29.30 54.65
CA LYS C 75 1.77 -28.69 54.75
C LYS C 75 1.70 -27.16 54.72
N LYS C 76 0.53 -26.63 54.41
CA LYS C 76 0.35 -25.19 54.24
C LYS C 76 1.40 -24.65 53.27
N GLU C 77 1.58 -25.36 52.17
CA GLU C 77 2.55 -24.96 51.17
C GLU C 77 2.26 -25.57 49.80
N VAL C 78 2.39 -24.75 48.76
CA VAL C 78 2.33 -25.21 47.39
C VAL C 78 3.68 -24.93 46.73
N LYS C 79 4.15 -25.91 45.94
CA LYS C 79 5.42 -25.79 45.23
C LYS C 79 5.16 -25.49 43.76
N ILE C 80 5.69 -24.36 43.29
CA ILE C 80 5.49 -23.91 41.92
C ILE C 80 6.78 -24.01 41.11
N GLY C 81 6.68 -24.59 39.91
CA GLY C 81 7.80 -24.68 39.00
C GLY C 81 7.79 -23.52 38.02
N ALA C 82 8.99 -23.00 37.72
CA ALA C 82 9.12 -21.88 36.81
C ALA C 82 10.46 -21.93 36.09
N LEU C 83 10.63 -21.08 35.08
CA LEU C 83 11.90 -21.00 34.36
C LEU C 83 12.94 -20.23 35.16
N LYS C 84 14.20 -20.61 35.00
CA LYS C 84 15.29 -20.01 35.77
C LYS C 84 15.50 -18.54 35.44
N ASN C 85 15.71 -17.74 36.48
CA ASN C 85 16.13 -16.35 36.37
C ASN C 85 15.47 -15.55 35.25
N LYS C 86 14.13 -15.58 35.23
CA LYS C 86 13.37 -14.72 34.33
C LYS C 86 13.22 -13.35 35.00
N ASN C 87 13.52 -12.30 34.24
CA ASN C 87 13.42 -10.94 34.75
C ASN C 87 12.74 -10.02 33.75
N TRP C 88 11.44 -9.83 33.93
CA TRP C 88 10.67 -8.87 33.15
C TRP C 88 10.43 -7.62 33.98
N GLY C 89 11.26 -7.44 35.01
CA GLY C 89 11.11 -6.28 35.87
C GLY C 89 9.80 -6.32 36.63
N ILE C 90 8.99 -5.28 36.45
CA ILE C 90 7.75 -5.12 37.21
C ILE C 90 6.73 -6.20 36.88
N ILE C 91 6.92 -6.89 35.76
CA ILE C 91 5.98 -7.92 35.32
C ILE C 91 6.23 -9.23 36.02
N GLY C 92 7.47 -9.42 36.46
CA GLY C 92 7.85 -10.66 37.13
C GLY C 92 9.35 -10.79 37.19
N ASN C 93 9.91 -10.66 38.39
CA ASN C 93 11.33 -10.83 38.62
C ASN C 93 11.60 -12.06 39.50
N TYR C 94 12.16 -13.10 38.90
CA TYR C 94 12.40 -14.36 39.57
C TYR C 94 13.87 -14.55 39.92
N GLU C 95 14.67 -13.49 39.75
CA GLU C 95 16.08 -13.52 40.10
C GLU C 95 16.28 -13.26 41.59
N GLN C 96 15.17 -13.17 42.31
CA GLN C 96 15.20 -13.03 43.75
C GLN C 96 14.08 -13.87 44.37
N ASN C 97 14.19 -14.19 45.65
CA ASN C 97 13.16 -14.94 46.35
C ASN C 97 12.72 -14.20 47.61
N PRO C 98 11.40 -13.96 47.77
CA PRO C 98 10.29 -14.32 46.88
C PRO C 98 10.33 -13.56 45.56
N PRO C 99 9.87 -14.20 44.46
CA PRO C 99 9.80 -13.43 43.21
C PRO C 99 8.79 -12.29 43.32
N VAL C 100 9.04 -11.19 42.60
CA VAL C 100 8.19 -10.02 42.66
C VAL C 100 7.73 -9.64 41.26
N GLY C 101 6.68 -8.83 41.18
CA GLY C 101 6.16 -8.38 39.91
C GLY C 101 4.74 -8.89 39.67
N PHE C 102 4.24 -8.65 38.47
CA PHE C 102 2.86 -8.96 38.14
C PHE C 102 2.53 -10.46 38.21
N TRP C 103 3.29 -11.28 37.49
CA TRP C 103 2.98 -12.70 37.42
C TRP C 103 3.08 -13.39 38.78
N PRO C 104 4.12 -13.06 39.57
CA PRO C 104 4.11 -13.57 40.95
C PRO C 104 2.86 -13.10 41.71
N ASP C 105 2.56 -11.81 41.64
CA ASP C 105 1.36 -11.26 42.30
C ASP C 105 0.09 -12.01 41.91
N VAL C 106 -0.02 -12.43 40.65
CA VAL C 106 -1.17 -13.21 40.20
C VAL C 106 -1.24 -14.52 40.99
N MSE C 107 -0.10 -15.20 41.08
CA MSE C 107 -0.06 -16.47 41.80
C MSE C 107 -0.34 -16.24 43.28
O MSE C 107 -0.91 -17.09 43.96
CB MSE C 107 1.30 -17.14 41.61
CG MSE C 107 1.40 -18.54 42.23
SE MSE C 107 0.18 -19.82 41.42
CE MSE C 107 1.30 -20.34 39.90
N TYR C 108 0.05 -15.07 43.79
CA TYR C 108 -0.13 -14.76 45.20
C TYR C 108 -1.60 -14.50 45.55
N ILE C 109 -2.29 -13.68 44.76
CA ILE C 109 -3.68 -13.38 45.06
C ILE C 109 -4.55 -14.62 44.88
N ILE C 110 -4.12 -15.53 44.02
CA ILE C 110 -4.85 -16.78 43.79
C ILE C 110 -4.83 -17.63 45.07
N TRP C 111 -3.63 -17.85 45.61
CA TRP C 111 -3.49 -18.71 46.77
C TRP C 111 -3.85 -17.99 48.07
N GLU C 112 -3.88 -16.67 48.03
CA GLU C 112 -4.40 -15.90 49.15
C GLU C 112 -5.91 -16.08 49.24
N THR C 113 -6.55 -16.18 48.08
CA THR C 113 -7.98 -16.42 48.00
C THR C 113 -8.31 -17.82 48.52
N ILE C 114 -7.53 -18.79 48.06
CA ILE C 114 -7.70 -20.18 48.48
C ILE C 114 -7.45 -20.28 49.99
N SER C 115 -6.37 -19.66 50.45
CA SER C 115 -6.01 -19.66 51.86
C SER C 115 -7.12 -19.09 52.73
N LYS C 116 -7.71 -18.00 52.28
CA LYS C 116 -8.79 -17.35 53.03
C LYS C 116 -10.04 -18.23 53.08
N HIS C 117 -10.28 -19.00 52.03
CA HIS C 117 -11.44 -19.86 51.97
C HIS C 117 -11.28 -21.06 52.90
N ILE C 118 -10.06 -21.59 52.98
CA ILE C 118 -9.80 -22.79 53.75
C ILE C 118 -9.47 -22.48 55.21
N PHE C 119 -8.51 -21.59 55.44
CA PHE C 119 -8.00 -21.32 56.79
C PHE C 119 -8.53 -20.02 57.38
N ASN C 120 -9.31 -19.27 56.60
CA ASN C 120 -9.78 -17.95 57.02
C ASN C 120 -8.61 -17.00 57.28
N ASP C 121 -7.51 -17.23 56.58
CA ASP C 121 -6.30 -16.43 56.72
C ASP C 121 -5.50 -16.44 55.43
N GLU C 122 -5.43 -15.27 54.79
CA GLU C 122 -4.80 -15.14 53.47
C GLU C 122 -3.36 -15.65 53.41
N ASP C 123 -2.66 -15.60 54.54
CA ASP C 123 -1.23 -15.90 54.56
C ASP C 123 -0.91 -17.29 55.10
N ALA C 124 -1.93 -18.12 55.25
CA ALA C 124 -1.73 -19.47 55.78
C ALA C 124 -0.84 -20.30 54.86
N ILE C 125 -1.25 -20.46 53.61
CA ILE C 125 -0.49 -21.26 52.66
C ILE C 125 0.71 -20.49 52.12
N ASN C 126 1.87 -21.15 52.11
CA ASN C 126 3.09 -20.56 51.60
C ASN C 126 3.34 -20.95 50.15
N ILE C 127 3.95 -20.03 49.40
CA ILE C 127 4.22 -20.23 47.98
C ILE C 127 5.72 -20.38 47.74
N ALA C 128 6.15 -21.60 47.46
CA ALA C 128 7.57 -21.90 47.25
C ALA C 128 7.89 -22.12 45.78
N TYR C 129 8.65 -21.19 45.20
CA TYR C 129 9.03 -21.26 43.80
C TYR C 129 10.27 -22.12 43.58
N ASN C 130 10.20 -23.03 42.62
CA ASN C 130 11.35 -23.82 42.18
C ASN C 130 11.64 -23.54 40.71
N TYR C 131 12.91 -23.59 40.34
CA TYR C 131 13.34 -23.14 39.02
C TYR C 131 14.03 -24.27 38.23
N TYR C 132 13.68 -24.35 36.95
CA TYR C 132 14.17 -25.40 36.06
C TYR C 132 14.36 -24.88 34.65
N ASP C 133 15.28 -25.50 33.90
CA ASP C 133 15.41 -25.21 32.48
C ASP C 133 14.24 -25.81 31.72
N ASN C 134 13.87 -27.02 32.11
CA ASN C 134 12.71 -27.72 31.53
C ASN C 134 11.65 -27.96 32.61
N VAL C 135 10.77 -26.99 32.78
CA VAL C 135 9.77 -27.02 33.85
C VAL C 135 8.80 -28.18 33.67
N PHE C 136 8.37 -28.42 32.44
CA PHE C 136 7.42 -29.49 32.17
C PHE C 136 8.00 -30.85 32.53
N VAL C 137 9.30 -31.01 32.33
CA VAL C 137 9.98 -32.23 32.75
C VAL C 137 9.95 -32.32 34.27
N ALA C 138 10.27 -31.21 34.94
CA ALA C 138 10.32 -31.18 36.39
C ALA C 138 8.95 -31.50 36.99
N LEU C 139 7.90 -30.96 36.38
CA LEU C 139 6.54 -31.18 36.85
C LEU C 139 6.15 -32.66 36.71
N ASN C 140 6.70 -33.31 35.70
CA ASN C 140 6.37 -34.70 35.40
C ASN C 140 7.18 -35.71 36.21
N ASP C 141 8.46 -35.43 36.40
CA ASP C 141 9.40 -36.41 36.97
C ASP C 141 9.88 -36.04 38.38
N LYS C 142 9.51 -34.85 38.83
CA LYS C 142 9.86 -34.38 40.17
C LYS C 142 8.58 -33.82 40.77
N ASP C 143 8.49 -33.69 42.09
CA ASP C 143 7.25 -33.16 42.67
C ASP C 143 7.34 -31.66 42.92
N ILE C 144 6.72 -30.95 41.99
CA ILE C 144 6.21 -29.61 42.21
C ILE C 144 4.73 -29.84 41.99
N HIS C 145 3.88 -28.95 42.48
CA HIS C 145 2.45 -29.16 42.36
C HIS C 145 1.90 -28.58 41.06
N MSE C 146 2.52 -27.50 40.60
CA MSE C 146 2.07 -26.81 39.40
C MSE C 146 3.16 -25.90 38.85
O MSE C 146 4.18 -25.70 39.50
CB MSE C 146 0.82 -25.99 39.71
CG MSE C 146 1.05 -24.95 40.79
SE MSE C 146 -0.58 -24.13 41.44
CE MSE C 146 -1.17 -23.31 39.78
N THR C 147 2.93 -25.35 37.66
CA THR C 147 3.83 -24.38 37.06
C THR C 147 3.34 -22.97 37.36
N ASP C 148 4.11 -21.97 36.93
CA ASP C 148 3.64 -20.59 37.01
C ASP C 148 2.51 -20.40 36.01
N ASN C 149 1.74 -19.32 36.19
CA ASN C 149 0.60 -19.04 35.33
C ASN C 149 0.98 -18.48 33.96
N TYR C 150 2.23 -18.04 33.80
CA TYR C 150 2.61 -17.29 32.61
C TYR C 150 2.88 -18.17 31.39
N PHE C 151 2.90 -19.49 31.58
CA PHE C 151 3.15 -20.41 30.47
C PHE C 151 2.02 -20.34 29.46
N LEU C 152 2.36 -20.47 28.19
CA LEU C 152 1.36 -20.43 27.14
C LEU C 152 0.42 -21.62 27.24
N SER C 153 -0.85 -21.37 26.96
CA SER C 153 -1.83 -22.43 26.80
C SER C 153 -1.48 -23.22 25.55
N ASN C 154 -2.05 -24.41 25.41
CA ASN C 154 -1.89 -25.23 24.21
C ASN C 154 -0.49 -25.80 23.99
N SER C 155 0.36 -25.73 25.02
CA SER C 155 1.72 -26.27 24.94
C SER C 155 2.45 -25.83 23.68
N LEU C 165 5.19 -37.02 28.04
CA LEU C 165 4.85 -36.51 29.35
C LEU C 165 3.38 -36.80 29.68
N PRO C 166 3.10 -38.02 30.16
CA PRO C 166 1.72 -38.47 30.39
C PRO C 166 1.09 -37.98 31.69
N LYS C 167 1.87 -37.37 32.57
CA LYS C 167 1.39 -37.02 33.91
C LYS C 167 0.91 -35.57 34.04
N LEU C 168 0.90 -34.83 32.93
CA LEU C 168 0.58 -33.41 32.97
C LEU C 168 -0.74 -33.07 32.27
N THR C 169 -1.39 -32.01 32.77
CA THR C 169 -2.56 -31.45 32.12
C THR C 169 -2.59 -29.94 32.40
N SER C 170 -3.26 -29.20 31.53
CA SER C 170 -3.29 -27.75 31.63
C SER C 170 -4.49 -27.21 32.40
N GLY C 171 -4.36 -26.00 32.90
CA GLY C 171 -5.49 -25.25 33.41
C GLY C 171 -6.08 -24.42 32.30
N LEU C 172 -7.21 -23.75 32.57
CA LEU C 172 -7.84 -22.89 31.58
C LEU C 172 -7.02 -21.62 31.38
N PRO C 173 -7.13 -20.99 30.21
CA PRO C 173 -6.43 -19.71 30.00
C PRO C 173 -7.05 -18.61 30.84
N ILE C 174 -6.46 -18.33 32.01
CA ILE C 174 -7.04 -17.37 32.94
C ILE C 174 -6.65 -15.94 32.58
N ILE C 175 -5.51 -15.79 31.92
CA ILE C 175 -4.99 -14.48 31.52
C ILE C 175 -4.60 -14.53 30.05
N LYS C 176 -4.85 -13.43 29.35
CA LYS C 176 -4.69 -13.38 27.90
C LYS C 176 -4.02 -12.08 27.45
N HIS C 177 -3.22 -12.15 26.39
CA HIS C 177 -2.66 -10.95 25.78
C HIS C 177 -3.02 -10.90 24.30
N SER C 178 -2.93 -9.71 23.72
CA SER C 178 -3.50 -9.45 22.40
C SER C 178 -2.53 -9.78 21.25
N ASN C 179 -3.10 -9.85 20.05
CA ASN C 179 -2.33 -9.99 18.83
C ASN C 179 -2.72 -8.88 17.87
N LYS C 180 -1.91 -7.83 17.83
CA LYS C 180 -2.19 -6.66 17.00
C LYS C 180 -1.88 -6.94 15.54
N ILE C 181 -2.61 -6.28 14.65
CA ILE C 181 -2.40 -6.41 13.22
C ILE C 181 -2.10 -5.04 12.62
N MSE C 182 -0.92 -4.89 12.01
CA MSE C 182 -0.60 -3.66 11.30
C MSE C 182 -0.70 -3.88 9.80
O MSE C 182 -0.34 -4.94 9.29
CB MSE C 182 0.81 -3.16 11.69
CG MSE C 182 1.96 -3.81 10.95
SE MSE C 182 3.64 -3.05 11.59
CE MSE C 182 3.94 -4.32 13.04
N ILE C 183 -1.23 -2.88 9.11
CA ILE C 183 -1.55 -3.00 7.70
C ILE C 183 -1.56 -1.62 7.07
N LEU C 184 -1.22 -1.55 5.78
CA LEU C 184 -1.22 -0.27 5.07
C LEU C 184 -2.63 0.30 5.03
N LYS C 185 -2.74 1.57 5.40
CA LYS C 185 -4.01 2.30 5.43
C LYS C 185 -4.78 2.22 4.11
N GLU C 186 -4.06 2.18 2.99
CA GLU C 186 -4.66 2.32 1.68
C GLU C 186 -5.71 1.25 1.36
N TYR C 187 -5.59 0.09 1.99
CA TYR C 187 -6.50 -1.02 1.73
C TYR C 187 -7.84 -0.84 2.43
N ASN C 188 -7.96 0.19 3.25
CA ASN C 188 -9.20 0.48 3.96
C ASN C 188 -9.67 -0.69 4.83
N ILE C 189 -8.71 -1.34 5.48
CA ILE C 189 -8.98 -2.45 6.38
C ILE C 189 -8.56 -2.07 7.80
N ASN C 190 -9.50 -2.14 8.73
CA ASN C 190 -9.20 -1.82 10.12
C ASN C 190 -9.97 -2.70 11.09
N ASN C 191 -10.28 -3.92 10.65
CA ASN C 191 -10.84 -4.94 11.52
C ASN C 191 -10.63 -6.32 10.92
N LEU C 192 -10.88 -7.34 11.72
CA LEU C 192 -10.60 -8.72 11.32
C LEU C 192 -11.50 -9.20 10.18
N GLU C 193 -12.78 -8.85 10.24
CA GLU C 193 -13.74 -9.31 9.23
C GLU C 193 -13.43 -8.75 7.86
N ASP C 194 -13.05 -7.48 7.80
CA ASP C 194 -12.69 -6.86 6.53
C ASP C 194 -11.41 -7.49 5.97
N LEU C 195 -10.49 -7.83 6.88
CA LEU C 195 -9.26 -8.49 6.48
C LEU C 195 -9.56 -9.87 5.89
N LYS C 196 -10.53 -10.57 6.48
CA LYS C 196 -10.98 -11.86 5.95
C LYS C 196 -11.41 -11.72 4.50
N SER C 197 -12.27 -10.74 4.23
CA SER C 197 -12.80 -10.51 2.90
C SER C 197 -11.69 -10.25 1.91
N TYR C 198 -10.69 -9.48 2.33
CA TYR C 198 -9.57 -9.12 1.47
C TYR C 198 -8.73 -10.35 1.12
N ILE C 199 -8.45 -11.18 2.12
CA ILE C 199 -7.67 -12.39 1.92
C ILE C 199 -8.38 -13.36 0.98
N SER C 200 -9.70 -13.47 1.14
CA SER C 200 -10.49 -14.36 0.29
C SER C 200 -10.42 -13.96 -1.18
N LYS C 201 -10.24 -12.67 -1.43
CA LYS C 201 -10.21 -12.13 -2.78
C LYS C 201 -8.82 -12.14 -3.40
N ASN C 202 -7.80 -12.34 -2.58
CA ASN C 202 -6.42 -12.27 -3.03
C ASN C 202 -5.60 -13.50 -2.62
N GLU C 203 -5.13 -14.24 -3.62
CA GLU C 203 -4.39 -15.47 -3.38
C GLU C 203 -2.91 -15.19 -3.10
N GLY C 204 -2.27 -16.13 -2.43
CA GLY C 204 -0.83 -16.14 -2.27
C GLY C 204 -0.21 -14.95 -1.57
N LEU C 205 -0.89 -14.42 -0.55
CA LEU C 205 -0.32 -13.36 0.27
C LEU C 205 0.38 -13.95 1.49
N LYS C 206 1.37 -13.25 2.01
CA LYS C 206 2.13 -13.69 3.18
C LYS C 206 1.91 -12.74 4.35
N ILE C 207 1.73 -13.30 5.54
CA ILE C 207 1.67 -12.49 6.75
C ILE C 207 2.98 -12.60 7.51
N ALA C 208 3.41 -11.49 8.10
CA ALA C 208 4.63 -11.46 8.91
C ALA C 208 4.25 -11.51 10.39
N CYS C 209 5.02 -12.28 11.15
CA CYS C 209 4.78 -12.41 12.58
C CYS C 209 6.09 -12.29 13.34
N LEU C 210 6.05 -11.68 14.52
CA LEU C 210 7.24 -11.53 15.33
C LEU C 210 7.55 -12.83 16.07
N THR C 211 6.51 -13.52 16.52
CA THR C 211 6.65 -14.81 17.20
C THR C 211 5.73 -15.85 16.56
N GLU C 212 5.99 -17.12 16.87
CA GLU C 212 5.17 -18.20 16.35
C GLU C 212 3.74 -18.11 16.88
N ALA C 213 3.60 -17.63 18.11
CA ALA C 213 2.29 -17.49 18.73
C ALA C 213 1.44 -16.45 17.99
N ASN C 214 2.09 -15.40 17.48
CA ASN C 214 1.40 -14.38 16.71
C ASN C 214 0.77 -14.98 15.45
N CYS C 215 1.52 -15.82 14.76
CA CYS C 215 1.02 -16.46 13.53
C CYS C 215 -0.05 -17.51 13.83
N ASN C 216 0.13 -18.27 14.90
CA ASN C 216 -0.85 -19.31 15.26
C ASN C 216 -2.22 -18.73 15.56
N ALA C 217 -2.23 -17.53 16.15
CA ALA C 217 -3.49 -16.87 16.48
C ALA C 217 -4.32 -16.63 15.22
N LEU C 218 -3.64 -16.36 14.11
CA LEU C 218 -4.31 -16.06 12.84
C LEU C 218 -4.53 -17.32 12.01
N LYS C 219 -3.72 -18.35 12.25
CA LYS C 219 -3.83 -19.58 11.49
C LYS C 219 -5.16 -20.28 11.75
N ASN C 220 -5.72 -20.04 12.93
CA ASN C 220 -7.02 -20.61 13.29
C ASN C 220 -8.15 -20.05 12.44
N ILE C 221 -7.88 -18.95 11.74
CA ILE C 221 -8.91 -18.23 11.00
C ILE C 221 -8.64 -18.23 9.49
N PHE C 222 -7.41 -17.96 9.09
CA PHE C 222 -7.07 -17.88 7.68
C PHE C 222 -6.74 -19.25 7.09
N LEU C 223 -6.40 -20.20 7.95
CA LEU C 223 -6.11 -21.57 7.52
C LEU C 223 -4.96 -21.58 6.50
N ASP C 224 -5.19 -22.16 5.32
CA ASP C 224 -4.14 -22.30 4.32
C ASP C 224 -4.23 -21.23 3.23
N LYS C 225 -4.97 -20.16 3.53
CA LYS C 225 -5.23 -19.11 2.54
C LYS C 225 -4.07 -18.11 2.45
N VAL C 226 -3.12 -18.22 3.37
CA VAL C 226 -1.93 -17.36 3.36
C VAL C 226 -0.71 -18.17 3.78
N THR C 227 0.47 -17.61 3.54
CA THR C 227 1.72 -18.17 4.05
C THR C 227 2.08 -17.49 5.36
N TYR C 228 2.55 -18.29 6.31
CA TYR C 228 2.88 -17.80 7.65
C TYR C 228 4.39 -17.72 7.83
N ASP C 229 4.88 -16.52 8.12
CA ASP C 229 6.31 -16.25 8.21
C ASP C 229 6.65 -15.57 9.54
N TYR C 230 7.25 -16.32 10.45
CA TYR C 230 7.65 -15.78 11.75
C TYR C 230 9.16 -15.88 11.97
N LYS C 231 9.80 -16.86 11.34
CA LYS C 231 11.23 -17.09 11.53
C LYS C 231 12.08 -15.94 11.00
N SER C 232 11.57 -15.22 10.01
CA SER C 232 12.36 -14.22 9.30
C SER C 232 12.33 -12.85 9.96
N PHE C 233 11.64 -12.73 11.09
CA PHE C 233 11.46 -11.45 11.76
C PHE C 233 11.86 -11.52 13.23
N SER C 234 12.82 -10.68 13.61
CA SER C 234 13.33 -10.67 14.98
C SER C 234 13.06 -9.33 15.67
N SER C 235 12.32 -8.45 15.02
CA SER C 235 12.04 -7.14 15.58
C SER C 235 10.84 -6.46 14.93
N TYR C 236 10.31 -5.46 15.63
CA TYR C 236 9.19 -4.66 15.13
C TYR C 236 9.57 -3.91 13.86
N ILE C 237 10.84 -3.54 13.75
CA ILE C 237 11.32 -2.83 12.57
C ILE C 237 11.36 -3.78 11.38
N ASP C 238 11.73 -5.04 11.63
CA ASP C 238 11.72 -6.05 10.58
C ASP C 238 10.31 -6.27 10.05
N LEU C 239 9.36 -6.44 10.96
CA LEU C 239 7.95 -6.58 10.60
C LEU C 239 7.48 -5.44 9.71
N SER C 240 7.66 -4.21 10.20
CA SER C 240 7.10 -3.04 9.54
C SER C 240 7.71 -2.82 8.17
N LYS C 241 8.97 -3.21 7.99
CA LYS C 241 9.64 -3.08 6.70
C LYS C 241 8.98 -3.98 5.66
N SER C 242 8.59 -5.18 6.07
CA SER C 242 7.95 -6.12 5.16
C SER C 242 6.54 -5.66 4.80
N VAL C 243 5.91 -4.91 5.69
CA VAL C 243 4.60 -4.33 5.40
C VAL C 243 4.77 -3.12 4.49
N LEU C 244 5.71 -2.25 4.82
CA LEU C 244 5.92 -1.02 4.07
C LEU C 244 6.47 -1.30 2.68
N SER C 245 7.22 -2.39 2.54
CA SER C 245 7.76 -2.79 1.24
C SER C 245 6.72 -3.57 0.44
N LYS C 246 5.69 -4.06 1.14
CA LYS C 246 4.57 -4.78 0.54
C LYS C 246 4.91 -6.22 0.16
N SER C 247 5.97 -6.77 0.75
CA SER C 247 6.27 -8.19 0.59
C SER C 247 5.29 -9.03 1.42
N HIS C 248 4.75 -8.42 2.47
CA HIS C 248 3.78 -9.09 3.34
C HIS C 248 2.56 -8.20 3.53
N ILE C 249 1.37 -8.81 3.54
CA ILE C 249 0.14 -8.04 3.57
C ILE C 249 -0.13 -7.44 4.96
N ILE C 250 0.27 -8.16 6.01
CA ILE C 250 0.13 -7.65 7.38
C ILE C 250 1.31 -8.04 8.25
N GLY C 251 1.43 -7.37 9.39
CA GLY C 251 2.38 -7.71 10.41
C GLY C 251 1.66 -7.98 11.71
N VAL C 252 2.00 -9.09 12.37
CA VAL C 252 1.33 -9.47 13.62
C VAL C 252 2.31 -9.40 14.79
N ILE C 253 1.95 -8.59 15.79
CA ILE C 253 2.80 -8.36 16.95
C ILE C 253 1.93 -8.09 18.18
N SER C 254 2.41 -8.47 19.36
CA SER C 254 1.60 -8.37 20.58
C SER C 254 1.66 -6.99 21.23
N GLY C 255 2.61 -6.17 20.80
CA GLY C 255 2.73 -4.81 21.30
C GLY C 255 3.43 -3.90 20.31
N ILE C 256 3.11 -2.61 20.36
CA ILE C 256 3.67 -1.61 19.46
C ILE C 256 4.65 -0.69 20.20
N PRO C 257 5.95 -0.78 19.87
CA PRO C 257 6.93 0.08 20.55
C PRO C 257 6.82 1.55 20.17
N PHE C 258 6.48 1.83 18.92
CA PHE C 258 6.31 3.20 18.45
C PHE C 258 5.38 3.24 17.25
N ASN C 259 4.73 4.38 17.05
CA ASN C 259 3.70 4.52 16.01
C ASN C 259 4.23 5.08 14.70
N PHE C 260 3.85 4.43 13.60
CA PHE C 260 4.07 5.00 12.28
C PHE C 260 2.95 6.01 12.02
N ASN C 261 3.07 6.76 10.93
CA ASN C 261 2.04 7.72 10.56
C ASN C 261 0.70 7.02 10.35
N GLU C 262 -0.33 7.51 11.02
CA GLU C 262 -1.66 6.90 10.93
C GLU C 262 -2.23 6.99 9.52
N HIS C 263 -1.77 7.97 8.75
CA HIS C 263 -2.22 8.12 7.37
C HIS C 263 -1.65 7.02 6.47
N LYS C 264 -0.58 6.38 6.92
CA LYS C 264 0.08 5.33 6.13
C LYS C 264 -0.14 3.93 6.71
N ILE C 265 0.01 3.79 8.01
CA ILE C 265 -0.14 2.49 8.67
C ILE C 265 -1.40 2.45 9.53
N ASN C 266 -2.08 1.31 9.47
CA ASN C 266 -3.25 1.06 10.28
C ASN C 266 -2.97 -0.09 11.25
N VAL C 267 -3.18 0.16 12.54
CA VAL C 267 -3.01 -0.88 13.55
C VAL C 267 -4.32 -1.08 14.30
N PHE C 268 -4.77 -2.34 14.40
CA PHE C 268 -6.01 -2.64 15.10
C PHE C 268 -5.91 -3.97 15.83
N ASP C 269 -6.70 -4.09 16.90
CA ASP C 269 -6.79 -5.34 17.65
C ASP C 269 -7.56 -6.38 16.84
N SER C 270 -6.99 -7.58 16.73
CA SER C 270 -7.66 -8.68 16.07
C SER C 270 -8.68 -9.33 17.00
N PHE C 271 -8.52 -9.07 18.30
CA PHE C 271 -9.35 -9.69 19.34
C PHE C 271 -9.17 -11.21 19.34
N LEU C 272 -8.06 -11.66 18.78
CA LEU C 272 -7.65 -13.06 18.86
C LEU C 272 -6.54 -13.16 19.90
N LYS C 273 -6.92 -13.45 21.13
CA LYS C 273 -5.99 -13.42 22.27
C LYS C 273 -5.17 -14.70 22.39
N THR C 274 -3.96 -14.55 22.93
CA THR C 274 -3.10 -15.68 23.27
C THR C 274 -3.24 -15.96 24.76
N GLY C 275 -3.64 -17.18 25.10
CA GLY C 275 -3.93 -17.55 26.47
C GLY C 275 -2.73 -17.93 27.30
N HIS C 276 -2.84 -17.72 28.62
CA HIS C 276 -1.83 -18.15 29.58
C HIS C 276 -2.47 -19.02 30.66
N SER C 277 -1.82 -20.14 30.98
CA SER C 277 -2.37 -21.07 31.96
C SER C 277 -1.27 -21.81 32.72
N ALA C 278 -1.60 -22.22 33.94
CA ALA C 278 -0.70 -23.07 34.73
C ALA C 278 -0.90 -24.52 34.33
N TYR C 279 0.13 -25.33 34.55
CA TYR C 279 0.08 -26.76 34.28
C TYR C 279 0.21 -27.53 35.58
N PHE C 280 -0.43 -28.70 35.65
CA PHE C 280 -0.52 -29.46 36.89
C PHE C 280 -0.07 -30.91 36.71
N LYS C 281 0.55 -31.44 37.76
CA LYS C 281 0.93 -32.84 37.82
C LYS C 281 -0.33 -33.67 38.09
N ALA C 282 -0.96 -34.16 37.03
CA ALA C 282 -2.27 -34.78 37.13
C ALA C 282 -2.24 -36.13 37.85
N ALA C 283 -1.08 -36.78 37.87
CA ALA C 283 -0.92 -38.05 38.57
C ALA C 283 0.56 -38.41 38.67
N GLY D 4 -32.59 19.28 19.73
CA GLY D 4 -32.01 18.04 20.20
C GLY D 4 -31.84 18.03 21.71
N VAL D 5 -31.56 16.84 22.25
CA VAL D 5 -31.29 16.71 23.68
C VAL D 5 -29.85 17.14 24.00
N GLU D 6 -29.28 17.95 23.11
CA GLU D 6 -28.01 18.61 23.35
C GLU D 6 -28.19 19.59 24.51
N GLU D 7 -29.40 20.15 24.62
CA GLU D 7 -29.68 21.26 25.51
C GLU D 7 -30.36 20.84 26.82
N VAL D 8 -30.56 19.54 27.00
CA VAL D 8 -31.01 19.04 28.30
C VAL D 8 -29.77 18.76 29.15
N VAL D 9 -30.00 18.51 30.44
CA VAL D 9 -28.92 18.05 31.32
C VAL D 9 -28.91 16.53 31.28
N ASN D 10 -27.87 15.98 30.67
CA ASN D 10 -27.79 14.54 30.46
C ASN D 10 -27.27 13.79 31.68
N ASN D 11 -27.96 13.89 32.81
CA ASN D 11 -27.55 13.18 34.02
C ASN D 11 -28.58 12.17 34.51
N LYS D 12 -29.41 11.67 33.58
CA LYS D 12 -30.42 10.67 33.92
C LYS D 12 -30.02 9.30 33.35
N ALA D 13 -29.52 9.30 32.12
CA ALA D 13 -29.20 8.05 31.43
C ALA D 13 -27.70 7.85 31.22
N LYS D 14 -26.90 8.87 31.53
CA LYS D 14 -25.47 8.82 31.23
C LYS D 14 -24.75 7.67 31.93
N ARG D 15 -24.94 7.54 33.25
CA ARG D 15 -24.30 6.48 34.02
C ARG D 15 -24.65 5.12 33.47
N LEU D 16 -25.93 4.94 33.11
CA LEU D 16 -26.40 3.69 32.55
C LEU D 16 -25.69 3.37 31.24
N ILE D 17 -25.61 4.37 30.35
CA ILE D 17 -24.99 4.18 29.05
C ILE D 17 -23.49 3.94 29.21
N ASP D 18 -22.87 4.63 30.15
CA ASP D 18 -21.44 4.51 30.38
C ASP D 18 -21.06 3.10 30.83
N ILE D 19 -21.77 2.58 31.83
CA ILE D 19 -21.48 1.26 32.36
C ILE D 19 -21.86 0.21 31.33
N TYR D 20 -22.86 0.53 30.52
CA TYR D 20 -23.27 -0.32 29.41
C TYR D 20 -22.13 -0.46 28.40
N HIS D 21 -21.57 0.67 27.98
CA HIS D 21 -20.43 0.68 27.05
C HIS D 21 -19.18 0.03 27.66
N ALA D 22 -18.95 0.29 28.94
CA ALA D 22 -17.79 -0.26 29.63
C ALA D 22 -17.89 -1.78 29.73
N ALA D 23 -19.11 -2.26 29.94
CA ALA D 23 -19.36 -3.70 30.03
C ALA D 23 -19.09 -4.37 28.68
N VAL D 24 -19.52 -3.71 27.61
CA VAL D 24 -19.27 -4.19 26.26
C VAL D 24 -17.77 -4.26 26.00
N LYS D 25 -17.06 -3.22 26.43
CA LYS D 25 -15.62 -3.14 26.21
C LYS D 25 -14.90 -4.33 26.84
N GLU D 26 -15.28 -4.65 28.08
CA GLU D 26 -14.65 -5.75 28.80
C GLU D 26 -14.96 -7.08 28.12
N LEU D 27 -16.20 -7.22 27.65
CA LEU D 27 -16.62 -8.45 26.97
C LEU D 27 -15.87 -8.67 25.67
N ILE D 28 -15.53 -7.58 24.99
CA ILE D 28 -14.73 -7.68 23.77
C ILE D 28 -13.28 -8.00 24.14
N GLN D 29 -12.75 -7.33 25.15
CA GLN D 29 -11.38 -7.56 25.61
C GLN D 29 -11.16 -9.01 26.02
N ASN D 30 -12.17 -9.59 26.69
CA ASN D 30 -12.06 -10.95 27.19
C ASN D 30 -12.47 -12.01 26.17
N GLU D 31 -12.80 -11.57 24.95
CA GLU D 31 -13.25 -12.44 23.85
C GLU D 31 -14.64 -13.05 24.07
N GLU D 32 -15.32 -12.63 25.12
CA GLU D 32 -16.62 -13.24 25.44
C GLU D 32 -17.66 -12.94 24.36
N LEU D 33 -17.73 -11.68 23.94
CA LEU D 33 -18.70 -11.28 22.92
C LEU D 33 -18.30 -11.86 21.56
N ILE D 34 -16.99 -11.94 21.32
CA ILE D 34 -16.48 -12.55 20.10
C ILE D 34 -16.87 -14.03 20.05
N ASP D 35 -16.67 -14.74 21.15
CA ASP D 35 -17.03 -16.15 21.25
C ASP D 35 -18.52 -16.37 21.02
N LEU D 36 -19.34 -15.43 21.48
CA LEU D 36 -20.79 -15.55 21.35
C LEU D 36 -21.21 -15.46 19.89
N ILE D 37 -20.61 -14.52 19.15
CA ILE D 37 -20.87 -14.40 17.72
C ILE D 37 -20.52 -15.69 17.01
N ASP D 38 -19.31 -16.18 17.25
CA ASP D 38 -18.82 -17.39 16.60
C ASP D 38 -19.64 -18.61 17.02
N LYS D 39 -20.08 -18.61 18.28
CA LYS D 39 -20.84 -19.72 18.83
C LYS D 39 -22.16 -19.93 18.07
N HIS D 40 -22.88 -18.83 17.83
CA HIS D 40 -24.12 -18.89 17.05
C HIS D 40 -23.85 -18.84 15.55
N ASN D 41 -22.57 -18.69 15.18
CA ASN D 41 -22.17 -18.60 13.79
C ASN D 41 -22.98 -17.55 13.03
N VAL D 42 -23.09 -16.37 13.63
CA VAL D 42 -23.85 -15.27 13.05
C VAL D 42 -22.90 -14.26 12.40
N ASP D 43 -23.36 -13.61 11.34
CA ASP D 43 -22.54 -12.68 10.58
C ASP D 43 -22.61 -11.26 11.16
N TYR D 44 -22.14 -11.11 12.39
CA TYR D 44 -21.98 -9.79 13.00
C TYR D 44 -20.52 -9.61 13.41
N SER D 45 -20.12 -8.35 13.59
CA SER D 45 -18.80 -8.03 14.10
C SER D 45 -18.93 -7.00 15.20
N VAL D 46 -18.02 -7.03 16.16
CA VAL D 46 -18.07 -6.09 17.28
C VAL D 46 -17.47 -4.76 16.88
N ILE D 47 -17.84 -3.72 17.62
CA ILE D 47 -17.31 -2.39 17.36
C ILE D 47 -15.79 -2.40 17.51
N GLU D 48 -15.14 -1.78 16.54
CA GLU D 48 -13.69 -1.62 16.54
C GLU D 48 -13.31 -0.41 17.38
N SER D 49 -12.04 -0.31 17.74
CA SER D 49 -11.54 0.82 18.52
C SER D 49 -12.26 0.95 19.85
N ILE D 50 -12.16 -0.09 20.68
CA ILE D 50 -12.79 -0.08 21.99
C ILE D 50 -12.03 0.82 22.97
N GLU D 51 -10.86 1.30 22.57
CA GLU D 51 -10.07 2.17 23.43
C GLU D 51 -10.78 3.48 23.71
N ASN D 52 -11.78 3.80 22.88
CA ASN D 52 -12.57 5.02 23.07
C ASN D 52 -13.70 4.83 24.07
N LEU D 53 -14.02 3.57 24.38
CA LEU D 53 -15.11 3.28 25.32
C LEU D 53 -14.62 3.39 26.76
N PRO D 54 -15.53 3.73 27.69
CA PRO D 54 -15.13 3.87 29.10
C PRO D 54 -14.64 2.56 29.70
N ASN D 55 -13.86 2.66 30.78
CA ASN D 55 -13.46 1.48 31.54
C ASN D 55 -14.45 1.26 32.66
N LEU D 56 -14.72 -0.01 32.95
CA LEU D 56 -15.72 -0.37 33.94
C LEU D 56 -15.31 0.14 35.32
N ALA D 57 -14.02 0.07 35.61
CA ALA D 57 -13.50 0.46 36.93
C ALA D 57 -13.67 1.96 37.19
N ASP D 58 -13.78 2.75 36.12
CA ASP D 58 -13.89 4.20 36.25
C ASP D 58 -15.32 4.68 36.46
N ILE D 59 -16.27 3.75 36.46
CA ILE D 59 -17.69 4.10 36.55
C ILE D 59 -18.15 4.18 38.01
N ASN D 60 -18.72 5.32 38.38
CA ASN D 60 -19.36 5.49 39.67
C ASN D 60 -20.53 4.53 39.79
N VAL D 61 -20.55 3.76 40.88
CA VAL D 61 -21.48 2.64 41.03
C VAL D 61 -22.48 2.89 42.17
N LYS D 62 -22.23 3.92 42.97
CA LYS D 62 -23.13 4.29 44.07
C LYS D 62 -24.57 4.49 43.59
N ASP D 63 -25.52 4.32 44.52
CA ASP D 63 -26.94 4.45 44.21
C ASP D 63 -27.57 5.66 44.90
N ASP D 64 -26.75 6.59 45.35
CA ASP D 64 -27.25 7.82 45.98
C ASP D 64 -27.52 8.90 44.94
N ILE D 65 -27.08 8.65 43.70
CA ILE D 65 -27.36 9.57 42.60
C ILE D 65 -28.79 9.38 42.12
N ASP D 66 -29.45 10.49 41.79
CA ASP D 66 -30.82 10.46 41.32
C ASP D 66 -30.88 10.29 39.80
N ASP D 67 -30.80 9.04 39.34
CA ASP D 67 -30.85 8.75 37.92
C ASP D 67 -31.35 7.33 37.65
N VAL D 68 -31.31 6.93 36.38
CA VAL D 68 -31.88 5.65 35.96
C VAL D 68 -31.10 4.46 36.51
N LEU D 69 -29.77 4.54 36.49
CA LEU D 69 -28.95 3.39 36.91
C LEU D 69 -29.18 3.03 38.38
N SER D 70 -29.34 4.04 39.23
CA SER D 70 -29.51 3.80 40.66
C SER D 70 -30.86 3.15 40.94
N GLU D 71 -31.85 3.42 40.09
CA GLU D 71 -33.15 2.77 40.22
C GLU D 71 -33.02 1.28 39.88
N ILE D 72 -32.24 0.99 38.84
CA ILE D 72 -31.95 -0.38 38.46
C ILE D 72 -31.18 -1.10 39.57
N ILE D 73 -30.25 -0.38 40.18
CA ILE D 73 -29.42 -0.95 41.24
C ILE D 73 -30.26 -1.30 42.47
N LYS D 74 -31.12 -0.38 42.88
CA LYS D 74 -31.92 -0.57 44.08
C LYS D 74 -32.89 -1.74 43.95
N LYS D 75 -33.49 -1.87 42.77
CA LYS D 75 -34.44 -2.94 42.51
C LYS D 75 -33.75 -4.22 42.03
N LYS D 76 -32.44 -4.11 41.76
CA LYS D 76 -31.68 -5.22 41.19
C LYS D 76 -32.39 -5.76 39.96
N GLU D 77 -32.90 -4.85 39.13
CA GLU D 77 -33.67 -5.25 37.96
C GLU D 77 -33.68 -4.16 36.89
N VAL D 78 -33.44 -4.58 35.66
CA VAL D 78 -33.55 -3.70 34.50
C VAL D 78 -34.70 -4.21 33.63
N LYS D 79 -35.41 -3.28 33.01
CA LYS D 79 -36.52 -3.60 32.13
C LYS D 79 -36.17 -3.23 30.69
N ILE D 80 -36.04 -4.25 29.83
CA ILE D 80 -35.67 -4.05 28.44
C ILE D 80 -36.87 -4.29 27.53
N GLY D 81 -37.01 -3.45 26.52
CA GLY D 81 -38.09 -3.57 25.56
C GLY D 81 -37.66 -4.24 24.26
N ALA D 82 -38.54 -5.09 23.73
CA ALA D 82 -38.30 -5.75 22.45
C ALA D 82 -39.60 -5.87 21.66
N LEU D 83 -39.50 -5.96 20.34
CA LEU D 83 -40.68 -6.06 19.49
C LEU D 83 -41.38 -7.40 19.68
N LYS D 84 -42.70 -7.37 19.70
CA LYS D 84 -43.52 -8.57 19.92
C LYS D 84 -43.49 -9.52 18.73
N ASN D 85 -43.62 -10.80 19.04
CA ASN D 85 -43.80 -11.84 18.04
C ASN D 85 -42.73 -11.85 16.95
N LYS D 86 -41.48 -11.60 17.36
CA LYS D 86 -40.35 -11.66 16.44
C LYS D 86 -39.57 -12.95 16.68
N ASN D 87 -39.35 -13.69 15.59
CA ASN D 87 -38.67 -14.97 15.66
C ASN D 87 -37.70 -15.13 14.49
N TRP D 88 -36.43 -14.83 14.74
CA TRP D 88 -35.40 -14.89 13.71
C TRP D 88 -34.56 -16.16 13.81
N GLY D 89 -35.02 -17.11 14.63
CA GLY D 89 -34.28 -18.34 14.84
C GLY D 89 -33.23 -18.16 15.92
N ILE D 90 -32.03 -18.68 15.68
CA ILE D 90 -30.93 -18.56 16.64
C ILE D 90 -30.47 -17.11 16.74
N ILE D 91 -30.79 -16.30 15.74
CA ILE D 91 -30.48 -14.87 15.76
C ILE D 91 -31.17 -14.22 16.97
N GLY D 92 -32.35 -14.73 17.29
CA GLY D 92 -33.13 -14.23 18.40
C GLY D 92 -34.61 -14.58 18.26
N ASN D 93 -35.13 -15.30 19.26
CA ASN D 93 -36.54 -15.68 19.30
C ASN D 93 -37.22 -15.08 20.51
N TYR D 94 -38.21 -14.22 20.26
CA TYR D 94 -38.90 -13.49 21.32
C TYR D 94 -40.35 -13.90 21.49
N GLU D 95 -40.74 -15.02 20.87
CA GLU D 95 -42.07 -15.57 21.06
C GLU D 95 -42.24 -16.01 22.51
N GLN D 96 -41.16 -16.54 23.08
CA GLN D 96 -41.13 -16.96 24.46
C GLN D 96 -40.44 -15.90 25.32
N ASN D 97 -40.90 -15.76 26.56
CA ASN D 97 -40.32 -14.82 27.52
C ASN D 97 -39.83 -15.60 28.75
N PRO D 98 -38.53 -15.52 29.07
CA PRO D 98 -37.46 -14.73 28.43
C PRO D 98 -37.09 -15.25 27.04
N PRO D 99 -36.60 -14.35 26.16
CA PRO D 99 -36.23 -14.76 24.80
C PRO D 99 -34.94 -15.57 24.76
N VAL D 100 -34.68 -16.22 23.63
CA VAL D 100 -33.48 -17.01 23.43
C VAL D 100 -32.84 -16.67 22.10
N GLY D 101 -31.55 -16.99 21.97
CA GLY D 101 -30.81 -16.74 20.74
C GLY D 101 -29.70 -15.74 20.95
N PHE D 102 -29.13 -15.27 19.84
CA PHE D 102 -27.95 -14.42 19.87
C PHE D 102 -28.20 -13.09 20.57
N TRP D 103 -29.18 -12.33 20.10
CA TRP D 103 -29.42 -10.99 20.62
C TRP D 103 -29.78 -11.02 22.11
N PRO D 104 -30.66 -11.94 22.53
CA PRO D 104 -30.88 -12.06 23.98
C PRO D 104 -29.60 -12.40 24.74
N ASP D 105 -28.83 -13.38 24.26
CA ASP D 105 -27.58 -13.74 24.90
C ASP D 105 -26.65 -12.54 25.06
N VAL D 106 -26.56 -11.71 24.02
CA VAL D 106 -25.73 -10.51 24.07
C VAL D 106 -26.15 -9.64 25.24
N MSE D 107 -27.46 -9.45 25.41
CA MSE D 107 -27.96 -8.58 26.44
C MSE D 107 -27.74 -9.19 27.83
O MSE D 107 -27.54 -8.47 28.81
CB MSE D 107 -29.45 -8.28 26.23
CG MSE D 107 -30.02 -7.27 27.23
SE MSE D 107 -29.21 -5.50 27.09
CE MSE D 107 -30.39 -4.78 25.71
N TYR D 108 -27.78 -10.52 27.92
CA TYR D 108 -27.59 -11.20 29.20
C TYR D 108 -26.14 -11.09 29.69
N ILE D 109 -25.18 -11.29 28.81
CA ILE D 109 -23.77 -11.26 29.21
C ILE D 109 -23.36 -9.84 29.58
N ILE D 110 -24.00 -8.85 28.95
CA ILE D 110 -23.70 -7.45 29.22
C ILE D 110 -24.11 -7.10 30.65
N TRP D 111 -25.31 -7.51 31.04
CA TRP D 111 -25.83 -7.18 32.37
C TRP D 111 -25.23 -8.09 33.43
N GLU D 112 -24.70 -9.23 33.00
CA GLU D 112 -23.91 -10.08 33.87
C GLU D 112 -22.63 -9.34 34.26
N THR D 113 -21.99 -8.71 33.28
CA THR D 113 -20.76 -7.96 33.50
C THR D 113 -21.03 -6.73 34.36
N ILE D 114 -22.19 -6.12 34.17
CA ILE D 114 -22.57 -4.94 34.94
C ILE D 114 -22.84 -5.32 36.39
N SER D 115 -23.58 -6.41 36.59
CA SER D 115 -23.86 -6.90 37.94
C SER D 115 -22.57 -7.20 38.68
N LYS D 116 -21.62 -7.81 37.97
CA LYS D 116 -20.32 -8.16 38.53
C LYS D 116 -19.61 -6.91 39.05
N HIS D 117 -19.67 -5.82 38.29
CA HIS D 117 -18.98 -4.60 38.71
C HIS D 117 -19.66 -3.95 39.91
N ILE D 118 -20.98 -4.05 39.98
CA ILE D 118 -21.76 -3.42 41.03
C ILE D 118 -21.83 -4.27 42.29
N PHE D 119 -22.20 -5.54 42.14
CA PHE D 119 -22.47 -6.42 43.27
C PHE D 119 -21.48 -7.57 43.43
N ASN D 120 -20.49 -7.64 42.52
CA ASN D 120 -19.54 -8.75 42.50
C ASN D 120 -20.24 -10.09 42.34
N ASP D 121 -21.37 -10.06 41.64
CA ASP D 121 -22.17 -11.25 41.38
C ASP D 121 -22.90 -11.09 40.05
N GLU D 122 -22.49 -11.86 39.04
CA GLU D 122 -23.05 -11.74 37.70
C GLU D 122 -24.57 -11.87 37.65
N ASP D 123 -25.14 -12.63 38.58
CA ASP D 123 -26.57 -12.92 38.56
C ASP D 123 -27.36 -12.00 39.48
N ALA D 124 -26.72 -10.96 40.00
CA ALA D 124 -27.35 -10.06 40.97
C ALA D 124 -28.51 -9.27 40.37
N ILE D 125 -28.29 -8.68 39.20
CA ILE D 125 -29.34 -7.92 38.51
C ILE D 125 -30.13 -8.83 37.59
N ASN D 126 -31.46 -8.76 37.71
CA ASN D 126 -32.36 -9.53 36.87
C ASN D 126 -32.76 -8.74 35.62
N ILE D 127 -32.96 -9.44 34.51
CA ILE D 127 -33.44 -8.83 33.26
C ILE D 127 -34.91 -9.15 33.06
N ALA D 128 -35.72 -8.10 32.94
CA ALA D 128 -37.16 -8.25 32.71
C ALA D 128 -37.52 -7.78 31.32
N TYR D 129 -37.67 -8.72 30.40
CA TYR D 129 -38.03 -8.40 29.03
C TYR D 129 -39.52 -8.10 28.91
N ASN D 130 -39.83 -6.91 28.44
CA ASN D 130 -41.21 -6.53 28.14
C ASN D 130 -41.34 -6.34 26.64
N TYR D 131 -42.50 -6.69 26.08
CA TYR D 131 -42.70 -6.60 24.64
C TYR D 131 -43.80 -5.60 24.26
N TYR D 132 -43.58 -4.90 23.14
CA TYR D 132 -44.51 -3.90 22.65
C TYR D 132 -44.55 -3.90 21.13
N ASP D 133 -45.59 -3.29 20.56
CA ASP D 133 -45.67 -3.09 19.13
C ASP D 133 -44.70 -1.98 18.71
N ASN D 134 -44.59 -0.95 19.55
CA ASN D 134 -43.56 0.06 19.41
C ASN D 134 -42.76 0.18 20.69
N VAL D 135 -41.49 -0.20 20.62
CA VAL D 135 -40.63 -0.23 21.80
C VAL D 135 -40.21 1.17 22.22
N PHE D 136 -40.17 2.08 21.25
CA PHE D 136 -39.69 3.44 21.51
C PHE D 136 -40.72 4.28 22.25
N VAL D 137 -42.00 3.96 22.05
CA VAL D 137 -43.06 4.61 22.82
C VAL D 137 -42.96 4.17 24.28
N ALA D 138 -42.72 2.88 24.48
CA ALA D 138 -42.60 2.33 25.83
C ALA D 138 -41.42 2.96 26.56
N LEU D 139 -40.32 3.16 25.83
CA LEU D 139 -39.13 3.79 26.39
C LEU D 139 -39.42 5.22 26.78
N ASN D 140 -40.23 5.90 25.97
CA ASN D 140 -40.56 7.30 26.20
C ASN D 140 -41.52 7.46 27.37
N ASP D 141 -42.29 6.41 27.65
CA ASP D 141 -43.27 6.42 28.74
C ASP D 141 -42.69 5.80 30.02
N LYS D 142 -41.38 5.56 30.03
CA LYS D 142 -40.70 4.96 31.17
C LYS D 142 -41.31 3.63 31.59
N ASP D 143 -41.83 2.88 30.61
CA ASP D 143 -42.25 1.50 30.86
C ASP D 143 -41.04 0.58 30.86
N ILE D 144 -39.94 1.07 30.27
CA ILE D 144 -38.68 0.32 30.21
C ILE D 144 -37.50 1.27 30.41
N HIS D 145 -36.37 0.71 30.79
CA HIS D 145 -35.16 1.51 31.02
C HIS D 145 -34.35 1.65 29.74
N MSE D 146 -34.51 0.69 28.83
CA MSE D 146 -33.76 0.68 27.58
C MSE D 146 -34.38 -0.30 26.60
O MSE D 146 -35.20 -1.13 26.97
CB MSE D 146 -32.30 0.29 27.84
CG MSE D 146 -32.12 -1.12 28.35
SE MSE D 146 -30.29 -1.54 28.91
CE MSE D 146 -29.40 -1.38 27.18
N THR D 147 -33.99 -0.19 25.32
CA THR D 147 -34.44 -1.15 24.31
C THR D 147 -33.40 -2.25 24.15
N ASP D 148 -33.73 -3.27 23.38
CA ASP D 148 -32.78 -4.33 23.06
C ASP D 148 -31.70 -3.74 22.14
N ASN D 149 -30.62 -4.49 21.93
CA ASN D 149 -29.48 -3.98 21.18
C ASN D 149 -29.58 -4.09 19.66
N TYR D 150 -30.58 -4.82 19.17
CA TYR D 150 -30.62 -5.15 17.74
C TYR D 150 -31.15 -4.00 16.86
N PHE D 151 -31.69 -2.96 17.49
CA PHE D 151 -32.21 -1.83 16.71
C PHE D 151 -31.08 -1.06 16.02
N LEU D 152 -31.40 -0.48 14.87
CA LEU D 152 -30.43 0.27 14.09
C LEU D 152 -30.02 1.55 14.82
N SER D 153 -28.72 1.79 14.95
CA SER D 153 -28.22 2.99 15.59
C SER D 153 -28.47 4.21 14.70
N ASN D 154 -28.46 5.39 15.32
CA ASN D 154 -28.88 6.64 14.68
C ASN D 154 -30.36 6.61 14.30
N ASN D 163 -45.16 9.74 15.94
CA ASN D 163 -44.23 10.58 15.17
C ASN D 163 -42.84 10.57 15.79
N ASN D 164 -42.07 11.63 15.55
CA ASN D 164 -40.70 11.72 16.03
C ASN D 164 -40.61 11.75 17.56
N LEU D 165 -39.59 11.09 18.10
CA LEU D 165 -39.37 11.00 19.54
C LEU D 165 -37.97 11.53 19.89
N PRO D 166 -37.85 12.84 20.15
CA PRO D 166 -36.52 13.43 20.34
C PRO D 166 -35.92 13.20 21.73
N LYS D 167 -36.72 12.74 22.68
CA LYS D 167 -36.24 12.53 24.05
C LYS D 167 -35.29 11.33 24.15
N LEU D 168 -35.37 10.44 23.18
CA LEU D 168 -34.58 9.21 23.19
C LEU D 168 -33.22 9.43 22.55
N THR D 169 -32.21 8.70 23.02
CA THR D 169 -30.87 8.80 22.48
C THR D 169 -30.28 7.41 22.28
N SER D 170 -29.33 7.31 21.33
CA SER D 170 -28.75 6.04 20.95
C SER D 170 -27.45 5.75 21.69
N GLY D 171 -27.19 4.47 21.95
CA GLY D 171 -25.88 4.03 22.37
C GLY D 171 -24.98 3.90 21.15
N LEU D 172 -23.75 3.46 21.36
CA LEU D 172 -22.81 3.27 20.27
C LEU D 172 -23.16 2.03 19.46
N PRO D 173 -22.70 1.98 18.19
CA PRO D 173 -22.93 0.78 17.38
C PRO D 173 -22.00 -0.35 17.82
N ILE D 174 -22.31 -0.97 18.96
CA ILE D 174 -21.44 -1.99 19.55
C ILE D 174 -21.35 -3.23 18.67
N ILE D 175 -22.38 -3.46 17.86
CA ILE D 175 -22.43 -4.61 16.95
C ILE D 175 -22.85 -4.13 15.56
N LYS D 176 -22.25 -4.73 14.54
CA LYS D 176 -22.45 -4.30 13.16
C LYS D 176 -22.57 -5.48 12.21
N HIS D 177 -23.17 -5.25 11.04
CA HIS D 177 -23.18 -6.26 9.98
C HIS D 177 -22.74 -5.64 8.66
N SER D 178 -22.49 -6.50 7.67
CA SER D 178 -21.86 -6.08 6.42
C SER D 178 -22.88 -5.59 5.39
N ASN D 179 -22.42 -4.70 4.52
CA ASN D 179 -23.17 -4.32 3.33
C ASN D 179 -22.42 -4.79 2.10
N LYS D 180 -22.89 -5.91 1.53
CA LYS D 180 -22.24 -6.52 0.39
C LYS D 180 -22.76 -5.93 -0.92
N ILE D 181 -21.90 -5.87 -1.93
CA ILE D 181 -22.24 -5.25 -3.20
C ILE D 181 -22.23 -6.27 -4.32
N MSE D 182 -23.30 -6.20 -5.11
CA MSE D 182 -23.56 -7.14 -6.19
C MSE D 182 -23.35 -6.44 -7.53
O MSE D 182 -23.97 -5.42 -7.79
CB MSE D 182 -24.99 -7.65 -6.05
CG MSE D 182 -25.37 -8.79 -6.93
SE MSE D 182 -27.08 -9.48 -6.31
CE MSE D 182 -27.10 -11.13 -7.33
N ILE D 183 -22.46 -6.97 -8.35
CA ILE D 183 -22.11 -6.31 -9.61
C ILE D 183 -21.65 -7.29 -10.69
N LEU D 184 -21.89 -6.93 -11.95
CA LEU D 184 -21.43 -7.71 -13.09
C LEU D 184 -19.91 -7.75 -13.15
N LYS D 185 -19.35 -8.91 -13.46
CA LYS D 185 -17.90 -9.08 -13.46
C LYS D 185 -17.23 -8.35 -14.62
N GLU D 186 -18.01 -8.00 -15.65
CA GLU D 186 -17.46 -7.37 -16.84
C GLU D 186 -16.84 -6.00 -16.53
N TYR D 187 -17.25 -5.40 -15.42
CA TYR D 187 -16.76 -4.08 -15.04
C TYR D 187 -15.39 -4.13 -14.36
N ASN D 188 -14.97 -5.33 -13.96
CA ASN D 188 -13.71 -5.52 -13.24
C ASN D 188 -13.64 -4.61 -12.01
N ILE D 189 -14.70 -4.63 -11.22
CA ILE D 189 -14.79 -3.88 -9.97
C ILE D 189 -15.15 -4.85 -8.84
N ASN D 190 -14.25 -4.96 -7.87
CA ASN D 190 -14.45 -5.87 -6.74
C ASN D 190 -14.15 -5.21 -5.40
N ASN D 191 -14.23 -3.88 -5.38
CA ASN D 191 -13.96 -3.12 -4.15
C ASN D 191 -14.63 -1.75 -4.18
N LEU D 192 -14.90 -1.20 -3.01
CA LEU D 192 -15.64 0.05 -2.89
C LEU D 192 -14.95 1.23 -3.58
N GLU D 193 -13.63 1.28 -3.48
CA GLU D 193 -12.87 2.40 -4.02
C GLU D 193 -13.00 2.48 -5.54
N ASP D 194 -12.80 1.37 -6.22
CA ASP D 194 -12.91 1.33 -7.68
C ASP D 194 -14.36 1.59 -8.13
N LEU D 195 -15.31 1.17 -7.30
CA LEU D 195 -16.71 1.43 -7.58
C LEU D 195 -17.01 2.93 -7.48
N LYS D 196 -16.48 3.55 -6.43
CA LYS D 196 -16.68 4.97 -6.20
C LYS D 196 -16.10 5.79 -7.35
N SER D 197 -14.94 5.36 -7.83
CA SER D 197 -14.28 6.02 -8.96
C SER D 197 -15.14 5.93 -10.22
N TYR D 198 -15.70 4.74 -10.47
CA TYR D 198 -16.52 4.52 -11.65
C TYR D 198 -17.79 5.36 -11.62
N ILE D 199 -18.40 5.47 -10.44
CA ILE D 199 -19.63 6.23 -10.29
C ILE D 199 -19.37 7.73 -10.45
N SER D 200 -18.19 8.18 -10.04
CA SER D 200 -17.83 9.58 -10.18
C SER D 200 -17.69 9.95 -11.65
N LYS D 201 -17.24 9.00 -12.46
CA LYS D 201 -17.08 9.22 -13.89
C LYS D 201 -18.38 8.96 -14.66
N ASN D 202 -19.35 8.34 -13.98
CA ASN D 202 -20.63 8.02 -14.60
C ASN D 202 -21.80 8.35 -13.67
N GLU D 203 -22.07 9.64 -13.49
CA GLU D 203 -23.20 10.05 -12.66
C GLU D 203 -24.51 9.81 -13.42
N GLY D 204 -25.57 9.49 -12.67
CA GLY D 204 -26.87 9.22 -13.25
C GLY D 204 -27.28 7.76 -13.18
N LEU D 205 -26.35 6.90 -12.78
CA LEU D 205 -26.64 5.49 -12.62
C LEU D 205 -27.59 5.28 -11.44
N LYS D 206 -28.14 4.07 -11.35
CA LYS D 206 -29.07 3.71 -10.29
C LYS D 206 -28.53 2.50 -9.54
N ILE D 207 -28.65 2.51 -8.21
CA ILE D 207 -28.24 1.36 -7.41
C ILE D 207 -29.47 0.74 -6.75
N ALA D 208 -29.46 -0.58 -6.62
CA ALA D 208 -30.56 -1.32 -6.03
C ALA D 208 -30.22 -1.72 -4.59
N CYS D 209 -31.21 -1.63 -3.70
CA CYS D 209 -31.01 -1.94 -2.29
C CYS D 209 -32.20 -2.73 -1.76
N LEU D 210 -31.93 -3.81 -1.02
CA LEU D 210 -33.00 -4.62 -0.46
C LEU D 210 -33.68 -3.90 0.71
N THR D 211 -32.94 -3.03 1.39
CA THR D 211 -33.49 -2.23 2.48
C THR D 211 -33.01 -0.79 2.39
N GLU D 212 -33.72 0.11 3.06
CA GLU D 212 -33.32 1.50 3.13
C GLU D 212 -31.96 1.63 3.80
N ALA D 213 -31.68 0.73 4.74
CA ALA D 213 -30.42 0.74 5.46
C ALA D 213 -29.25 0.45 4.52
N ASN D 214 -29.46 -0.47 3.57
CA ASN D 214 -28.44 -0.77 2.58
C ASN D 214 -28.08 0.46 1.77
N CYS D 215 -29.08 1.19 1.29
CA CYS D 215 -28.85 2.37 0.47
C CYS D 215 -28.24 3.51 1.29
N ASN D 216 -28.63 3.61 2.56
CA ASN D 216 -28.08 4.65 3.41
C ASN D 216 -26.58 4.48 3.64
N ALA D 217 -26.15 3.23 3.74
CA ALA D 217 -24.74 2.91 3.97
C ALA D 217 -23.87 3.50 2.86
N LEU D 218 -24.40 3.53 1.65
CA LEU D 218 -23.65 4.02 0.49
C LEU D 218 -23.99 5.48 0.19
N LYS D 219 -25.08 5.97 0.78
CA LYS D 219 -25.50 7.36 0.60
C LYS D 219 -24.38 8.32 1.00
N ASN D 220 -23.60 7.93 2.00
CA ASN D 220 -22.52 8.78 2.50
C ASN D 220 -21.34 8.83 1.54
N ILE D 221 -21.24 7.83 0.68
CA ILE D 221 -20.09 7.70 -0.23
C ILE D 221 -20.41 8.31 -1.61
N PHE D 222 -21.58 7.99 -2.16
CA PHE D 222 -21.93 8.42 -3.52
C PHE D 222 -22.71 9.74 -3.55
N LEU D 223 -23.28 10.15 -2.43
CA LEU D 223 -24.05 11.39 -2.33
C LEU D 223 -25.19 11.40 -3.36
N ASP D 224 -25.25 12.44 -4.19
CA ASP D 224 -26.33 12.58 -5.16
C ASP D 224 -25.87 12.13 -6.54
N LYS D 225 -24.79 11.37 -6.59
CA LYS D 225 -24.22 10.93 -7.87
C LYS D 225 -25.00 9.77 -8.48
N VAL D 226 -25.90 9.19 -7.70
CA VAL D 226 -26.72 8.07 -8.17
C VAL D 226 -28.16 8.24 -7.71
N THR D 227 -29.03 7.37 -8.20
CA THR D 227 -30.40 7.25 -7.70
C THR D 227 -30.46 6.04 -6.77
N TYR D 228 -31.09 6.23 -5.62
CA TYR D 228 -31.21 5.18 -4.61
C TYR D 228 -32.59 4.55 -4.63
N ASP D 229 -32.67 3.34 -5.17
CA ASP D 229 -33.92 2.62 -5.28
C ASP D 229 -33.93 1.43 -4.34
N TYR D 230 -34.80 1.46 -3.34
CA TYR D 230 -34.93 0.35 -2.40
C TYR D 230 -36.38 -0.12 -2.26
N LYS D 231 -37.31 0.68 -2.78
CA LYS D 231 -38.73 0.36 -2.65
C LYS D 231 -39.18 -0.68 -3.68
N SER D 232 -38.45 -0.77 -4.79
CA SER D 232 -38.83 -1.65 -5.89
C SER D 232 -38.34 -3.09 -5.69
N PHE D 233 -37.60 -3.33 -4.61
CA PHE D 233 -36.91 -4.61 -4.42
C PHE D 233 -37.28 -5.28 -3.10
N SER D 234 -37.95 -6.42 -3.21
CA SER D 234 -38.43 -7.16 -2.05
C SER D 234 -37.60 -8.41 -1.79
N SER D 235 -36.67 -8.71 -2.69
CA SER D 235 -35.88 -9.94 -2.57
C SER D 235 -34.52 -9.85 -3.25
N TYR D 236 -33.66 -10.80 -2.89
CA TYR D 236 -32.32 -10.92 -3.47
C TYR D 236 -32.39 -11.17 -4.97
N ILE D 237 -33.43 -11.88 -5.41
CA ILE D 237 -33.57 -12.22 -6.82
C ILE D 237 -34.03 -11.00 -7.61
N ASP D 238 -34.90 -10.18 -7.03
CA ASP D 238 -35.30 -8.93 -7.67
C ASP D 238 -34.06 -8.07 -7.87
N LEU D 239 -33.21 -8.07 -6.85
CA LEU D 239 -31.95 -7.34 -6.91
C LEU D 239 -31.09 -7.83 -8.07
N SER D 240 -30.96 -9.14 -8.19
CA SER D 240 -30.11 -9.74 -9.21
C SER D 240 -30.63 -9.47 -10.62
N LYS D 241 -31.95 -9.41 -10.78
CA LYS D 241 -32.55 -9.15 -12.08
C LYS D 241 -32.17 -7.75 -12.58
N SER D 242 -32.09 -6.79 -11.66
CA SER D 242 -31.74 -5.43 -12.01
C SER D 242 -30.27 -5.28 -12.38
N VAL D 243 -29.42 -6.08 -11.72
CA VAL D 243 -28.00 -6.09 -12.06
C VAL D 243 -27.81 -6.75 -13.43
N LEU D 244 -28.45 -7.90 -13.62
CA LEU D 244 -28.28 -8.66 -14.87
C LEU D 244 -28.86 -7.92 -16.08
N SER D 245 -29.94 -7.17 -15.86
CA SER D 245 -30.57 -6.41 -16.94
C SER D 245 -29.90 -5.05 -17.13
N LYS D 246 -28.91 -4.75 -16.29
CA LYS D 246 -28.15 -3.49 -16.35
C LYS D 246 -29.02 -2.24 -16.16
N SER D 247 -30.19 -2.42 -15.55
CA SER D 247 -31.01 -1.27 -15.18
C SER D 247 -30.43 -0.60 -13.94
N HIS D 248 -29.66 -1.37 -13.17
CA HIS D 248 -28.98 -0.84 -11.98
C HIS D 248 -27.54 -1.33 -11.95
N ILE D 249 -26.62 -0.43 -11.66
CA ILE D 249 -25.19 -0.74 -11.73
C ILE D 249 -24.78 -1.72 -10.64
N ILE D 250 -25.42 -1.65 -9.48
CA ILE D 250 -25.14 -2.59 -8.40
C ILE D 250 -26.40 -2.95 -7.62
N GLY D 251 -26.26 -4.02 -6.83
CA GLY D 251 -27.26 -4.39 -5.85
C GLY D 251 -26.60 -4.47 -4.49
N VAL D 252 -27.21 -3.82 -3.50
CA VAL D 252 -26.68 -3.80 -2.14
C VAL D 252 -27.55 -4.65 -1.22
N ILE D 253 -26.92 -5.57 -0.50
CA ILE D 253 -27.62 -6.50 0.36
C ILE D 253 -26.71 -6.94 1.50
N SER D 254 -27.30 -7.26 2.66
CA SER D 254 -26.52 -7.56 3.85
C SER D 254 -26.08 -9.02 3.93
N GLY D 255 -26.67 -9.87 3.09
CA GLY D 255 -26.33 -11.28 3.07
C GLY D 255 -26.65 -11.89 1.72
N ILE D 256 -26.04 -13.04 1.44
CA ILE D 256 -26.21 -13.72 0.16
C ILE D 256 -26.93 -15.05 0.36
N PRO D 257 -28.20 -15.15 -0.08
CA PRO D 257 -28.93 -16.42 0.01
C PRO D 257 -28.25 -17.55 -0.76
N PHE D 258 -27.78 -17.26 -1.96
CA PHE D 258 -27.07 -18.26 -2.77
C PHE D 258 -26.12 -17.58 -3.75
N ASN D 259 -25.22 -18.37 -4.33
CA ASN D 259 -24.18 -17.85 -5.22
C ASN D 259 -24.54 -17.93 -6.69
N PHE D 260 -24.46 -16.80 -7.37
CA PHE D 260 -24.46 -16.79 -8.83
C PHE D 260 -23.05 -17.18 -9.30
N ASN D 261 -22.94 -17.55 -10.57
CA ASN D 261 -21.65 -17.94 -11.11
C ASN D 261 -20.64 -16.80 -10.98
N GLU D 262 -19.46 -17.13 -10.48
CA GLU D 262 -18.41 -16.15 -10.24
C GLU D 262 -17.99 -15.45 -11.52
N HIS D 263 -18.06 -16.16 -12.65
CA HIS D 263 -17.65 -15.60 -13.93
C HIS D 263 -18.62 -14.53 -14.44
N LYS D 264 -19.81 -14.47 -13.87
CA LYS D 264 -20.84 -13.54 -14.32
C LYS D 264 -21.09 -12.42 -13.31
N ILE D 265 -21.28 -12.82 -12.04
CA ILE D 265 -21.57 -11.88 -10.96
C ILE D 265 -20.43 -11.87 -9.95
N ASN D 266 -20.01 -10.66 -9.59
CA ASN D 266 -19.04 -10.50 -8.54
C ASN D 266 -19.71 -9.91 -7.30
N VAL D 267 -19.51 -10.58 -6.16
CA VAL D 267 -20.00 -10.09 -4.88
C VAL D 267 -18.82 -9.82 -3.96
N PHE D 268 -18.75 -8.61 -3.42
CA PHE D 268 -17.66 -8.23 -2.53
C PHE D 268 -18.18 -7.44 -1.34
N ASP D 269 -17.37 -7.39 -0.28
CA ASP D 269 -17.72 -6.64 0.91
C ASP D 269 -17.28 -5.19 0.74
N SER D 270 -18.19 -4.26 0.99
CA SER D 270 -17.90 -2.84 0.84
C SER D 270 -17.16 -2.28 2.05
N PHE D 271 -17.16 -3.03 3.15
CA PHE D 271 -16.62 -2.61 4.44
C PHE D 271 -17.43 -1.46 5.05
N LEU D 272 -18.53 -1.09 4.41
CA LEU D 272 -19.46 -0.12 4.97
C LEU D 272 -20.39 -0.84 5.92
N LYS D 273 -20.36 -0.45 7.19
CA LYS D 273 -21.07 -1.17 8.24
C LYS D 273 -22.39 -0.52 8.62
N THR D 274 -23.38 -1.37 8.91
CA THR D 274 -24.65 -0.91 9.48
C THR D 274 -24.63 -1.23 10.97
N GLY D 275 -24.78 -0.19 11.79
CA GLY D 275 -24.63 -0.33 13.23
C GLY D 275 -25.89 -0.72 13.96
N HIS D 276 -25.72 -1.46 15.05
CA HIS D 276 -26.80 -1.84 15.94
C HIS D 276 -26.55 -1.28 17.33
N SER D 277 -27.61 -0.82 17.99
CA SER D 277 -27.46 -0.32 19.36
C SER D 277 -28.78 -0.28 20.13
N ALA D 278 -28.66 -0.14 21.44
CA ALA D 278 -29.82 0.05 22.29
C ALA D 278 -30.13 1.53 22.40
N TYR D 279 -31.36 1.86 22.79
CA TYR D 279 -31.80 3.24 22.95
C TYR D 279 -32.22 3.52 24.38
N PHE D 280 -31.92 4.74 24.82
CA PHE D 280 -32.17 5.17 26.19
C PHE D 280 -32.92 6.50 26.20
N LYS D 281 -33.54 6.80 27.35
CA LYS D 281 -34.28 8.05 27.50
C LYS D 281 -33.42 9.08 28.24
N ALA D 282 -32.85 10.01 27.47
CA ALA D 282 -31.95 11.02 28.03
C ALA D 282 -32.73 12.10 28.77
N ALA D 283 -33.82 12.58 28.15
CA ALA D 283 -34.67 13.59 28.77
C ALA D 283 -35.38 13.01 29.98
N ALA D 284 -35.84 13.88 30.87
CA ALA D 284 -36.54 13.44 32.08
C ALA D 284 -38.05 13.42 31.85
S SO4 E . 1.82 -10.55 -38.71
O1 SO4 E . 2.93 -9.82 -38.13
O2 SO4 E . 0.59 -9.75 -38.62
O3 SO4 E . 1.62 -11.80 -37.99
O4 SO4 E . 2.11 -10.84 -40.11
S SO4 F . -2.69 36.49 -31.71
O1 SO4 F . -3.26 37.54 -30.89
O2 SO4 F . -3.24 35.20 -31.29
O3 SO4 F . -1.25 36.48 -31.55
O4 SO4 F . -3.03 36.72 -33.11
S SO4 G . 16.67 -28.77 34.42
O1 SO4 G . 16.23 -29.54 35.58
O2 SO4 G . 16.96 -27.39 34.83
O3 SO4 G . 17.88 -29.37 33.85
O4 SO4 G . 15.61 -28.76 33.41
S SO4 H . -23.29 -20.68 39.19
O1 SO4 H . -23.28 -20.12 40.54
O2 SO4 H . -24.66 -20.70 38.68
O3 SO4 H . -22.46 -19.83 38.33
O4 SO4 H . -22.76 -22.03 39.21
S SO4 I . -24.33 17.67 29.70
O1 SO4 I . -25.01 16.99 30.80
O2 SO4 I . -24.30 19.10 29.96
O3 SO4 I . -22.96 17.16 29.58
O4 SO4 I . -25.06 17.42 28.47
S SO4 J . -48.02 -1.81 22.52
O1 SO4 J . -48.02 -1.14 23.81
O2 SO4 J . -49.29 -1.55 21.84
O3 SO4 J . -46.92 -1.30 21.70
O4 SO4 J . -47.86 -3.24 22.72
#